data_9FGM
#
_entry.id   9FGM
#
_cell.length_a   1.00
_cell.length_b   1.00
_cell.length_c   1.00
_cell.angle_alpha   90.00
_cell.angle_beta   90.00
_cell.angle_gamma   90.00
#
_symmetry.space_group_name_H-M   'P 1'
#
_entity_poly.entity_id   1
_entity_poly.type   'polypeptide(L)'
_entity_poly.pdbx_seq_one_letter_code
;MSPILGYWKIKGLVQPTRLLLEYLEEKYEEHLYERDEGDKWRNKKFELGLEFPNLPYYIDGDVKLTQSMAIIRYIADKHN
MLGGCPKERAEISMLEGAVLDIRYGVSRIAYSKDFETLKVDFLSKLPEMLKMFEDRLCHKTYLNGDHVTHPDFMLYDALD
VVLYMDPMCLDAFPKLVCFKKRIEAIPQIDKYLKSSKYIAWPLQGWQATFGGGDHPPKSDLEVLFQGPLGSMPKYVEGVE
LTQEGMHAIFARMGHGDITSGSIYNGVPTIDTEALNRQGFMPVLTGVGPRRDSGHWIMLIKGPGNQYFLFDPLGKTSGEG
YKNTLLAQLPIASTLSVIPNEPGLNKGLCGYWVASVGLKARSELSKDNPPNLETLGQITTDAMKDELTDNGYLKITGWLK
AVADKFPEGDPQPDAKALRQTTEKDLHIEIPSPVSPIKDTAPKEVSTKPTAPQVAPKHSLDSKLLENDDDVLDTIKYVHK
EYLGKPYPGPLKNPKAPEEGRLPPNEGPDRGPHGLAHTVRTMACAEVMIEEARKAQLRGETLGKAKNGQTLADVTPEELK
KILIAQAFFVVGRDDERSGYDDVHKRNFYAEYHEKSEQAFRKYVEDNKLIGKIFKDQKEVDFYAAIILDKNHEWDATPAH
ILINQGHMVDLMRTKAPAEVALERTYNTLKGTVGSKGAEVVLKAHRDFFFATGAVVPLVNPEAIDDPSRGGPYENPYSGE
KFVIVDDKVPASKKDLPKAVNRDYKLKDNERFLTIKEYYAFPDVQQTYPGYKTRLEASSYYFPTPFAGECEQNPAKCLGA
IQKARSKLQTDAIKNGFQSSSEKERRQPNMDEIAAARIIQQIMANPDCIHDDHVLINGQKLEEKFFRDLLAKCDMAVVGS
LLNDTDIKNIDTLMRHEKNTEFHSTDPKAVPVKIGDAWENRIRTKGGDVTQMKHDLIFLMQNDAWYFSRVNAIAQNRDKG
SNFKEVLFTTLMTPLTNKSLIDTSHVPAPKKLYRGLNLPQEFTNKLINQSNAIIANTENTLFTDLSAEAFKQIKLNDFSQ
MSGKTCASTTKNMKLLTDIWGSNVIFEMLDPDGLLHPKQVGTHMAGSEDEFSVYLPEDVALVPTKVTLEGKTDTGEDRYI
FTLVAVKSPDFIPRHESGYAVEPFMKMQKEKVTQALDAIEKDKDSYNIDEQLKSLRTEMVRQAKLPLREGVFDRLSHRLS
LETSDNKISPERRDFLNQHVIPVLQECHIALRANDMDMMQKALAKFPTDKQWSAFKSGEAVRAKAQMDVLKQQIEKKIML
QTQIIPALTECGEALDKQNVTEALQALNKLPAEKEIGKVKTIGQELRGQIVGVKQELTGNLEPLQRATTTPIVQDAEKIK
VRYETLLTDVTKRVTDFEKIKPANLDGYNKAIADLNNIQQELNLLRNEKIRMHTDKDKAVDFSDIEALDKRLQDVQSKLP
TQLLEQTSKDVAKLAKMPEKITFNDIKSMTSKMNNYLETLELIRNDRIKKHAGSTDPLDMSDLDGLKGQLQTYNQSMADI
LLRAAKSSLDKIKDPATFEKESPYIKQCFDHLAELEKTLDDSDKGRKQKEDFTAYKSALMDKQEKAYPEMLQLQYKSEAL
IMQLRDICKIHHDNLAEARRVRLQQLDSQGGGLLGGLWAVTNTIGLTTDNVNIEKMQIRMKEQTLRAFKTELTNDKLNTD
QVIAFLAKGSPSELQEALGISKENAEQLHGLLKQLEIKTASTDKLQEIEKLIDEVSTKIGKEPVKQDHTITIDEEESDDI
RYGF
;
_entity_poly.pdbx_strand_id   A
#
# COMPACT_ATOMS: atom_id res chain seq x y z
N ALA A 455 -4.22 1.01 20.46
CA ALA A 455 -2.88 0.61 20.84
C ALA A 455 -2.88 -0.17 22.15
N PRO A 456 -2.43 -1.41 22.12
CA PRO A 456 -2.41 -2.23 23.33
C PRO A 456 -1.24 -1.87 24.23
N LYS A 457 -1.35 -2.26 25.50
CA LYS A 457 -0.30 -2.01 26.47
C LYS A 457 0.88 -2.96 26.32
N HIS A 458 0.73 -4.02 25.52
CA HIS A 458 1.79 -4.97 25.27
C HIS A 458 1.97 -5.16 23.77
N SER A 459 3.16 -5.59 23.38
CA SER A 459 3.46 -5.77 21.97
C SER A 459 2.67 -6.93 21.37
N LEU A 460 2.30 -6.78 20.10
CA LEU A 460 1.56 -7.81 19.42
C LEU A 460 2.36 -9.07 19.21
N ASP A 461 3.68 -9.03 19.40
CA ASP A 461 4.55 -10.16 19.10
C ASP A 461 5.21 -10.69 20.36
N SER A 462 5.19 -12.01 20.52
CA SER A 462 5.96 -12.69 21.56
C SER A 462 6.81 -13.78 20.92
N LYS A 463 8.13 -13.62 21.03
CA LYS A 463 9.08 -14.48 20.33
C LYS A 463 10.21 -14.87 21.29
N LEU A 464 9.81 -15.35 22.47
CA LEU A 464 10.78 -15.69 23.51
C LEU A 464 11.76 -16.76 23.04
N LEU A 465 11.27 -17.78 22.34
CA LEU A 465 12.12 -18.90 21.94
C LEU A 465 13.27 -18.45 21.06
N GLU A 466 13.07 -17.39 20.26
CA GLU A 466 14.12 -16.93 19.37
C GLU A 466 15.22 -16.19 20.12
N ASN A 467 14.85 -15.45 21.17
CA ASN A 467 15.80 -14.53 21.78
C ASN A 467 16.23 -14.97 23.18
N ASP A 468 15.29 -15.50 23.97
CA ASP A 468 15.53 -15.69 25.39
C ASP A 468 16.65 -16.69 25.64
N ASP A 469 17.35 -16.51 26.76
CA ASP A 469 18.47 -17.38 27.10
C ASP A 469 18.06 -18.42 28.14
N ASP A 470 17.24 -18.03 29.12
CA ASP A 470 16.84 -18.95 30.18
C ASP A 470 16.03 -20.11 29.64
N VAL A 471 15.10 -19.86 28.72
CA VAL A 471 14.28 -20.93 28.17
C VAL A 471 15.15 -21.93 27.41
N LEU A 472 16.08 -21.43 26.60
CA LEU A 472 16.97 -22.31 25.85
C LEU A 472 17.86 -23.12 26.79
N ASP A 473 18.36 -22.48 27.85
CA ASP A 473 19.19 -23.20 28.82
C ASP A 473 18.39 -24.30 29.51
N THR A 474 17.13 -24.01 29.87
CA THR A 474 16.29 -25.01 30.50
C THR A 474 16.01 -26.18 29.56
N ILE A 475 15.75 -25.87 28.28
CA ILE A 475 15.54 -26.93 27.30
C ILE A 475 16.78 -27.81 27.19
N LYS A 476 17.95 -27.17 27.12
CA LYS A 476 19.18 -27.94 27.02
C LYS A 476 19.38 -28.83 28.24
N TYR A 477 19.13 -28.29 29.43
CA TYR A 477 19.31 -29.10 30.65
C TYR A 477 18.36 -30.29 30.67
N VAL A 478 17.08 -30.05 30.39
CA VAL A 478 16.12 -31.15 30.45
C VAL A 478 16.42 -32.20 29.38
N HIS A 479 16.85 -31.76 28.19
CA HIS A 479 17.17 -32.71 27.14
C HIS A 479 18.42 -33.51 27.47
N LYS A 480 19.38 -32.88 28.15
CA LYS A 480 20.60 -33.59 28.49
C LYS A 480 20.36 -34.55 29.66
N GLU A 481 19.38 -34.27 30.50
CA GLU A 481 19.17 -35.12 31.68
C GLU A 481 18.10 -36.20 31.44
N TYR A 482 16.85 -35.78 31.18
CA TYR A 482 15.75 -36.75 31.22
C TYR A 482 15.34 -37.22 29.83
N LEU A 483 14.95 -36.29 28.96
CA LEU A 483 14.27 -36.66 27.72
C LEU A 483 15.15 -37.48 26.78
N GLY A 484 16.41 -37.11 26.61
CA GLY A 484 17.26 -37.77 25.65
C GLY A 484 17.77 -39.13 26.09
N LYS A 485 16.89 -39.95 26.63
CA LYS A 485 17.24 -41.28 27.08
C LYS A 485 16.11 -42.24 26.75
N PRO A 486 16.41 -43.53 26.60
CA PRO A 486 15.35 -44.51 26.31
C PRO A 486 14.39 -44.65 27.47
N TYR A 487 13.17 -45.08 27.17
CA TYR A 487 12.15 -45.33 28.18
C TYR A 487 12.66 -46.40 29.15
N PRO A 488 12.75 -46.11 30.45
CA PRO A 488 13.28 -47.11 31.39
C PRO A 488 12.25 -48.11 31.87
N GLY A 489 10.96 -47.77 31.82
CA GLY A 489 9.93 -48.66 32.32
C GLY A 489 9.57 -48.36 33.76
N PRO A 490 8.29 -48.44 34.09
CA PRO A 490 7.86 -48.13 35.47
C PRO A 490 8.35 -49.16 36.44
N LEU A 491 8.54 -48.73 37.69
CA LEU A 491 8.95 -49.63 38.75
C LEU A 491 7.82 -50.60 39.08
N LYS A 492 8.17 -51.86 39.30
CA LYS A 492 7.18 -52.84 39.74
C LYS A 492 6.65 -52.49 41.13
N ASN A 493 7.50 -51.93 41.98
CA ASN A 493 7.09 -51.45 43.30
C ASN A 493 7.80 -50.13 43.58
N PRO A 494 7.06 -49.03 43.71
CA PRO A 494 7.71 -47.74 44.00
C PRO A 494 8.51 -47.74 45.29
N LYS A 495 8.15 -48.58 46.25
CA LYS A 495 8.83 -48.63 47.53
C LYS A 495 9.96 -49.67 47.57
N ALA A 496 10.18 -50.40 46.48
CA ALA A 496 11.23 -51.43 46.45
C ALA A 496 11.88 -51.42 45.07
N PRO A 497 12.94 -50.63 44.89
CA PRO A 497 13.64 -50.62 43.60
C PRO A 497 14.24 -51.97 43.22
N GLU A 498 14.56 -52.81 44.21
CA GLU A 498 15.25 -54.07 43.92
C GLU A 498 14.35 -55.04 43.15
N GLU A 499 13.04 -54.84 43.19
CA GLU A 499 12.14 -55.76 42.49
C GLU A 499 12.28 -55.66 40.97
N GLY A 500 12.87 -54.57 40.48
CA GLY A 500 13.06 -54.39 39.06
C GLY A 500 12.04 -53.47 38.43
N ARG A 501 11.85 -53.61 37.11
CA ARG A 501 10.91 -52.77 36.37
C ARG A 501 10.08 -53.63 35.43
N LEU A 502 8.82 -53.22 35.25
CA LEU A 502 8.00 -53.79 34.20
C LEU A 502 8.52 -53.33 32.84
N PRO A 503 8.41 -54.19 31.82
CA PRO A 503 8.83 -53.78 30.47
C PRO A 503 7.97 -52.63 29.96
N PRO A 504 8.55 -51.71 29.20
CA PRO A 504 7.77 -50.60 28.66
C PRO A 504 6.63 -51.11 27.79
N ASN A 505 5.48 -50.46 27.89
CA ASN A 505 4.29 -50.90 27.16
C ASN A 505 4.42 -50.70 25.66
N GLU A 506 5.28 -49.79 25.23
CA GLU A 506 5.50 -49.50 23.81
C GLU A 506 7.01 -49.50 23.53
N GLY A 507 7.36 -49.00 22.34
CA GLY A 507 8.74 -48.87 21.96
C GLY A 507 9.54 -48.02 22.92
N PRO A 508 10.73 -48.49 23.29
CA PRO A 508 11.53 -47.76 24.29
C PRO A 508 11.96 -46.37 23.85
N ASP A 509 11.94 -46.06 22.56
CA ASP A 509 12.29 -44.73 22.09
C ASP A 509 11.22 -43.73 22.49
N ARG A 510 11.63 -42.48 22.70
CA ARG A 510 10.69 -41.42 23.09
C ARG A 510 10.09 -40.78 21.84
N GLY A 511 9.19 -41.52 21.21
CA GLY A 511 8.49 -41.05 20.04
C GLY A 511 7.42 -40.04 20.35
N PRO A 512 6.36 -40.47 21.04
CA PRO A 512 5.24 -39.55 21.30
C PRO A 512 5.60 -38.39 22.22
N HIS A 513 6.41 -38.64 23.26
CA HIS A 513 6.69 -37.65 24.28
C HIS A 513 8.18 -37.31 24.35
N GLY A 514 8.81 -37.11 23.20
CA GLY A 514 10.20 -36.73 23.15
C GLY A 514 10.37 -35.22 23.24
N LEU A 515 11.59 -34.79 22.92
CA LEU A 515 11.89 -33.36 22.90
C LEU A 515 11.00 -32.62 21.91
N ALA A 516 10.62 -33.30 20.82
CA ALA A 516 9.76 -32.67 19.83
C ALA A 516 8.42 -32.25 20.43
N HIS A 517 7.85 -33.10 21.29
CA HIS A 517 6.59 -32.76 21.94
C HIS A 517 6.72 -31.51 22.80
N THR A 518 7.79 -31.41 23.60
CA THR A 518 7.97 -30.24 24.45
C THR A 518 8.12 -28.97 23.61
N VAL A 519 8.94 -29.04 22.56
CA VAL A 519 9.15 -27.85 21.76
C VAL A 519 7.86 -27.42 21.07
N ARG A 520 7.12 -28.37 20.50
CA ARG A 520 5.87 -28.03 19.83
C ARG A 520 4.87 -27.43 20.80
N THR A 521 4.76 -28.00 22.01
CA THR A 521 3.82 -27.46 22.98
C THR A 521 4.20 -26.04 23.42
N MET A 522 5.49 -25.78 23.64
CA MET A 522 5.89 -24.44 24.04
C MET A 522 5.62 -23.43 22.92
N ALA A 523 5.92 -23.81 21.68
CA ALA A 523 5.61 -22.93 20.56
C ALA A 523 4.11 -22.68 20.44
N CYS A 524 3.29 -23.71 20.68
CA CYS A 524 1.84 -23.53 20.61
C CYS A 524 1.34 -22.62 21.72
N ALA A 525 1.92 -22.71 22.92
CA ALA A 525 1.53 -21.79 23.99
C ALA A 525 1.88 -20.34 23.61
N GLU A 526 3.07 -20.14 23.06
CA GLU A 526 3.42 -18.79 22.62
C GLU A 526 2.48 -18.28 21.53
N VAL A 527 2.12 -19.14 20.58
CA VAL A 527 1.18 -18.75 19.53
C VAL A 527 -0.19 -18.43 20.12
N MET A 528 -0.62 -19.18 21.13
CA MET A 528 -1.88 -18.89 21.79
C MET A 528 -1.88 -17.51 22.40
N ILE A 529 -0.79 -17.13 23.07
CA ILE A 529 -0.73 -15.77 23.62
C ILE A 529 -0.71 -14.73 22.51
N GLU A 530 0.08 -14.98 21.46
CA GLU A 530 0.09 -14.13 20.27
C GLU A 530 -1.33 -13.81 19.81
N GLU A 531 -2.10 -14.86 19.57
CA GLU A 531 -3.43 -14.69 18.99
C GLU A 531 -4.41 -14.11 20.00
N ALA A 532 -4.27 -14.44 21.29
CA ALA A 532 -5.15 -13.83 22.28
C ALA A 532 -4.98 -12.32 22.31
N ARG A 533 -3.73 -11.85 22.26
CA ARG A 533 -3.51 -10.41 22.20
C ARG A 533 -4.07 -9.81 20.93
N LYS A 534 -3.85 -10.46 19.79
CA LYS A 534 -4.41 -9.94 18.53
C LYS A 534 -5.93 -9.81 18.62
N ALA A 535 -6.60 -10.86 19.10
CA ALA A 535 -8.04 -10.87 19.18
C ALA A 535 -8.56 -9.80 20.14
N GLN A 536 -7.87 -9.57 21.26
CA GLN A 536 -8.27 -8.46 22.11
C GLN A 536 -8.12 -7.14 21.37
N LEU A 537 -7.06 -6.99 20.59
CA LEU A 537 -6.85 -5.73 19.87
C LEU A 537 -7.98 -5.49 18.87
N ARG A 538 -8.43 -6.53 18.17
CA ARG A 538 -9.51 -6.35 17.20
C ARG A 538 -10.81 -5.94 17.88
N GLY A 539 -10.97 -6.25 19.17
CA GLY A 539 -12.10 -5.78 19.94
C GLY A 539 -13.10 -6.85 20.33
N GLU A 540 -13.12 -7.99 19.65
CA GLU A 540 -14.06 -9.05 19.99
C GLU A 540 -13.72 -9.63 21.37
N THR A 541 -14.74 -9.82 22.20
CA THR A 541 -14.52 -10.22 23.57
C THR A 541 -13.97 -11.63 23.65
N LEU A 542 -13.06 -11.86 24.60
CA LEU A 542 -12.47 -13.16 24.84
C LEU A 542 -13.11 -13.82 26.06
N GLY A 543 -12.78 -15.09 26.24
CA GLY A 543 -13.23 -15.82 27.40
C GLY A 543 -12.46 -15.43 28.64
N LYS A 544 -12.93 -15.94 29.78
CA LYS A 544 -12.33 -15.64 31.07
C LYS A 544 -12.09 -16.91 31.85
N ALA A 545 -10.94 -16.98 32.50
CA ALA A 545 -10.70 -18.03 33.48
C ALA A 545 -11.34 -17.65 34.81
N LYS A 546 -11.33 -18.60 35.75
CA LYS A 546 -12.01 -18.40 37.02
C LYS A 546 -11.38 -17.31 37.88
N ASN A 547 -10.16 -16.88 37.57
CA ASN A 547 -9.59 -15.74 38.26
C ASN A 547 -10.08 -14.41 37.70
N GLY A 548 -10.82 -14.45 36.59
CA GLY A 548 -11.25 -13.23 35.95
C GLY A 548 -10.23 -12.62 35.02
N GLN A 549 -9.06 -13.24 34.87
CA GLN A 549 -8.03 -12.74 33.97
C GLN A 549 -8.24 -13.30 32.57
N THR A 550 -7.72 -12.57 31.59
CA THR A 550 -7.82 -12.95 30.19
C THR A 550 -6.42 -13.25 29.67
N LEU A 551 -6.35 -14.15 28.68
CA LEU A 551 -5.05 -14.58 28.16
C LEU A 551 -4.23 -13.41 27.63
N ALA A 552 -4.89 -12.31 27.24
CA ALA A 552 -4.15 -11.14 26.79
C ALA A 552 -3.53 -10.37 27.94
N ASP A 553 -3.94 -10.67 29.19
CA ASP A 553 -3.48 -9.87 30.32
C ASP A 553 -2.23 -10.45 30.98
N VAL A 554 -1.74 -11.60 30.51
CA VAL A 554 -0.54 -12.18 31.12
C VAL A 554 0.68 -11.40 30.67
N THR A 555 1.49 -10.95 31.62
CA THR A 555 2.68 -10.21 31.31
C THR A 555 3.76 -11.14 30.76
N PRO A 556 4.76 -10.59 30.05
CA PRO A 556 5.86 -11.45 29.55
C PRO A 556 6.59 -12.21 30.64
N GLU A 557 6.71 -11.66 31.85
CA GLU A 557 7.37 -12.37 32.93
C GLU A 557 6.62 -13.65 33.29
N GLU A 558 5.30 -13.56 33.40
CA GLU A 558 4.51 -14.77 33.63
C GLU A 558 4.60 -15.72 32.45
N LEU A 559 4.75 -15.19 31.24
CA LEU A 559 4.93 -16.06 30.07
C LEU A 559 6.24 -16.85 30.18
N LYS A 560 7.31 -16.19 30.60
CA LYS A 560 8.59 -16.88 30.77
C LYS A 560 8.50 -17.94 31.87
N LYS A 561 7.86 -17.61 32.99
CA LYS A 561 7.66 -18.60 34.04
C LYS A 561 6.84 -19.77 33.53
N ILE A 562 5.81 -19.50 32.74
CA ILE A 562 4.94 -20.56 32.23
C ILE A 562 5.72 -21.48 31.30
N LEU A 563 6.55 -20.90 30.42
CA LEU A 563 7.36 -21.74 29.54
C LEU A 563 8.35 -22.59 30.31
N ILE A 564 9.00 -22.02 31.32
CA ILE A 564 9.96 -22.80 32.11
C ILE A 564 9.24 -23.93 32.84
N ALA A 565 8.05 -23.67 33.38
CA ALA A 565 7.32 -24.71 34.09
C ALA A 565 6.67 -25.70 33.14
N GLN A 566 6.52 -25.32 31.87
CA GLN A 566 5.99 -26.25 30.87
C GLN A 566 7.07 -27.19 30.37
N ALA A 567 8.32 -26.73 30.37
CA ALA A 567 9.42 -27.59 29.92
C ALA A 567 9.53 -28.86 30.75
N PHE A 568 8.98 -28.86 31.98
CA PHE A 568 9.10 -30.02 32.86
C PHE A 568 7.84 -30.87 32.90
N PHE A 569 6.90 -30.65 31.99
CA PHE A 569 5.59 -31.27 32.13
C PHE A 569 5.58 -32.76 31.82
N VAL A 570 6.55 -33.24 31.05
CA VAL A 570 6.54 -34.63 30.59
C VAL A 570 7.78 -35.42 30.99
N VAL A 571 8.80 -34.77 31.57
CA VAL A 571 10.07 -35.44 31.82
C VAL A 571 9.98 -36.48 32.92
N GLY A 572 8.83 -36.65 33.56
CA GLY A 572 8.72 -37.61 34.64
C GLY A 572 8.29 -39.00 34.20
N ARG A 573 7.82 -39.12 32.96
CA ARG A 573 7.22 -40.37 32.50
C ARG A 573 8.25 -41.50 32.45
N ASP A 574 7.77 -42.73 32.57
CA ASP A 574 8.58 -43.92 32.41
C ASP A 574 8.06 -44.87 31.34
N ASP A 575 6.75 -44.90 31.09
CA ASP A 575 6.22 -45.67 29.97
C ASP A 575 4.96 -45.02 29.40
N GLU A 576 4.28 -45.72 28.50
CA GLU A 576 3.14 -45.16 27.78
C GLU A 576 1.80 -45.57 28.37
N ARG A 577 1.79 -46.20 29.55
CA ARG A 577 0.53 -46.52 30.18
C ARG A 577 -0.19 -45.24 30.60
N SER A 578 -1.52 -45.29 30.61
CA SER A 578 -2.31 -44.13 30.96
C SER A 578 -3.53 -44.57 31.75
N GLY A 579 -3.98 -43.69 32.65
CA GLY A 579 -5.16 -43.95 33.42
C GLY A 579 -4.97 -45.04 34.48
N TYR A 580 -6.08 -45.37 35.13
CA TYR A 580 -6.09 -46.39 36.15
C TYR A 580 -5.87 -47.77 35.53
N ASP A 581 -5.15 -48.63 36.25
CA ASP A 581 -4.84 -49.97 35.79
C ASP A 581 -5.61 -50.99 36.61
N ASP A 582 -6.25 -51.94 35.95
CA ASP A 582 -6.97 -52.99 36.65
C ASP A 582 -6.04 -54.03 37.24
N VAL A 583 -4.90 -54.26 36.60
CA VAL A 583 -4.02 -55.37 36.99
C VAL A 583 -3.39 -55.10 38.36
N HIS A 584 -2.86 -53.89 38.57
CA HIS A 584 -2.16 -53.56 39.80
C HIS A 584 -2.88 -52.52 40.65
N LYS A 585 -4.05 -52.04 40.23
CA LYS A 585 -4.80 -51.00 40.93
C LYS A 585 -3.99 -49.72 41.10
N ARG A 586 -3.09 -49.44 40.18
CA ARG A 586 -2.23 -48.27 40.26
C ARG A 586 -2.69 -47.18 39.29
N ASN A 587 -2.15 -45.98 39.48
CA ASN A 587 -2.45 -44.81 38.63
C ASN A 587 -1.12 -44.22 38.20
N PHE A 588 -0.61 -44.67 37.05
CA PHE A 588 0.73 -44.29 36.61
C PHE A 588 0.82 -42.80 36.31
N TYR A 589 -0.29 -42.17 35.95
CA TYR A 589 -0.27 -40.74 35.65
C TYR A 589 0.15 -39.92 36.85
N ALA A 590 -0.42 -40.21 38.02
CA ALA A 590 -0.08 -39.46 39.23
C ALA A 590 1.39 -39.65 39.60
N GLU A 591 1.88 -40.89 39.53
CA GLU A 591 3.27 -41.15 39.88
C GLU A 591 4.23 -40.46 38.91
N TYR A 592 3.92 -40.51 37.62
CA TYR A 592 4.78 -39.85 36.64
C TYR A 592 4.83 -38.35 36.87
N HIS A 593 3.67 -37.74 37.13
CA HIS A 593 3.69 -36.30 37.34
C HIS A 593 4.29 -35.93 38.70
N GLU A 594 4.23 -36.84 39.67
CA GLU A 594 4.96 -36.61 40.93
C GLU A 594 6.47 -36.61 40.68
N LYS A 595 6.94 -37.53 39.84
CA LYS A 595 8.35 -37.51 39.44
C LYS A 595 8.70 -36.19 38.78
N SER A 596 7.83 -35.72 37.88
CA SER A 596 8.08 -34.44 37.22
C SER A 596 8.13 -33.29 38.22
N GLU A 597 7.23 -33.29 39.20
CA GLU A 597 7.22 -32.24 40.22
C GLU A 597 8.52 -32.25 41.02
N GLN A 598 8.98 -33.45 41.40
CA GLN A 598 10.24 -33.54 42.12
C GLN A 598 11.40 -33.05 41.27
N ALA A 599 11.40 -33.38 39.98
CA ALA A 599 12.45 -32.90 39.09
C ALA A 599 12.43 -31.37 39.00
N PHE A 600 11.24 -30.77 38.91
CA PHE A 600 11.14 -29.32 38.85
C PHE A 600 11.67 -28.68 40.12
N ARG A 601 11.30 -29.23 41.28
CA ARG A 601 11.80 -28.68 42.54
C ARG A 601 13.32 -28.79 42.62
N LYS A 602 13.87 -29.94 42.22
CA LYS A 602 15.31 -30.11 42.25
C LYS A 602 16.01 -29.12 41.33
N TYR A 603 15.46 -28.92 40.12
CA TYR A 603 16.08 -27.97 39.19
C TYR A 603 16.03 -26.55 39.73
N VAL A 604 14.89 -26.14 40.28
CA VAL A 604 14.79 -24.77 40.77
C VAL A 604 15.68 -24.56 41.99
N GLU A 605 15.92 -25.60 42.78
CA GLU A 605 16.81 -25.45 43.93
C GLU A 605 18.27 -25.42 43.50
N ASP A 606 18.64 -26.23 42.50
CA ASP A 606 20.06 -26.44 42.20
C ASP A 606 20.71 -25.16 41.67
N ASN A 607 20.07 -24.51 40.68
CA ASN A 607 20.68 -23.37 40.01
C ASN A 607 20.40 -22.05 40.71
N LYS A 608 19.88 -22.09 41.95
CA LYS A 608 19.57 -20.89 42.72
C LYS A 608 18.66 -19.96 41.93
N LEU A 609 17.66 -20.53 41.25
CA LEU A 609 16.81 -19.76 40.36
C LEU A 609 15.95 -18.76 41.13
N ILE A 610 15.63 -19.06 42.40
CA ILE A 610 14.83 -18.14 43.19
C ILE A 610 15.63 -16.86 43.43
N GLY A 611 14.96 -15.73 43.22
CA GLY A 611 15.62 -14.45 43.30
C GLY A 611 16.12 -13.98 41.94
N LYS A 612 16.22 -14.92 41.00
CA LYS A 612 16.61 -14.57 39.64
C LYS A 612 15.40 -14.45 38.73
N ILE A 613 14.49 -15.42 38.79
CA ILE A 613 13.25 -15.34 38.01
C ILE A 613 12.06 -15.44 38.96
N PHE A 614 11.96 -16.55 39.69
CA PHE A 614 10.85 -16.73 40.62
C PHE A 614 11.00 -15.79 41.82
N LYS A 615 9.88 -15.22 42.26
CA LYS A 615 9.92 -14.22 43.34
C LYS A 615 10.24 -14.87 44.68
N ASP A 616 9.55 -15.96 45.01
CA ASP A 616 9.70 -16.58 46.32
C ASP A 616 9.24 -18.03 46.26
N GLN A 617 9.20 -18.67 47.44
CA GLN A 617 8.86 -20.08 47.51
C GLN A 617 7.42 -20.35 47.09
N LYS A 618 6.50 -19.45 47.43
CA LYS A 618 5.09 -19.68 47.11
C LYS A 618 4.85 -19.74 45.60
N GLU A 619 5.60 -18.95 44.83
CA GLU A 619 5.48 -19.02 43.37
C GLU A 619 5.91 -20.39 42.85
N VAL A 620 7.03 -20.90 43.37
CA VAL A 620 7.49 -22.22 42.98
C VAL A 620 6.47 -23.29 43.37
N ASP A 621 5.86 -23.14 44.55
CA ASP A 621 4.85 -24.10 44.96
C ASP A 621 3.61 -24.03 44.09
N PHE A 622 3.22 -22.82 43.66
CA PHE A 622 2.09 -22.67 42.75
C PHE A 622 2.36 -23.39 41.42
N TYR A 623 3.56 -23.19 40.87
CA TYR A 623 3.87 -23.87 39.61
C TYR A 623 4.01 -25.37 39.80
N ALA A 624 4.50 -25.81 40.96
CA ALA A 624 4.55 -27.24 41.24
C ALA A 624 3.15 -27.84 41.30
N ALA A 625 2.21 -27.14 41.94
CA ALA A 625 0.83 -27.61 41.96
C ALA A 625 0.22 -27.60 40.57
N ILE A 626 0.63 -26.65 39.71
CA ILE A 626 0.19 -26.66 38.33
C ILE A 626 0.69 -27.92 37.63
N ILE A 627 1.97 -28.25 37.82
CA ILE A 627 2.58 -29.38 37.12
C ILE A 627 2.00 -30.70 37.62
N LEU A 628 1.71 -30.78 38.92
CA LEU A 628 1.28 -32.05 39.51
C LEU A 628 -0.02 -32.55 38.89
N ASP A 629 -0.98 -31.64 38.68
CA ASP A 629 -2.25 -31.96 38.02
C ASP A 629 -3.00 -33.07 38.75
N LYS A 630 -3.36 -32.79 40.00
CA LYS A 630 -4.04 -33.80 40.81
C LYS A 630 -5.49 -33.97 40.42
N ASN A 631 -6.17 -32.89 40.02
CA ASN A 631 -7.61 -32.93 39.76
C ASN A 631 -7.99 -32.50 38.36
N HIS A 632 -7.02 -32.20 37.49
CA HIS A 632 -7.28 -31.69 36.14
C HIS A 632 -8.16 -30.44 36.21
N GLU A 633 -7.78 -29.50 37.08
CA GLU A 633 -8.49 -28.23 37.22
C GLU A 633 -8.15 -27.36 36.00
N TRP A 634 -8.95 -27.54 34.95
CA TRP A 634 -8.57 -27.11 33.62
C TRP A 634 -8.65 -25.60 33.43
N ASP A 635 -9.44 -24.88 34.24
CA ASP A 635 -9.66 -23.46 34.01
C ASP A 635 -9.51 -22.63 35.28
N ALA A 636 -8.58 -22.99 36.16
CA ALA A 636 -8.41 -22.24 37.41
C ALA A 636 -7.82 -20.85 37.17
N THR A 637 -6.84 -20.74 36.28
CA THR A 637 -6.10 -19.51 36.08
C THR A 637 -5.35 -19.61 34.75
N PRO A 638 -5.08 -18.48 34.10
CA PRO A 638 -4.48 -18.53 32.75
C PRO A 638 -3.33 -19.50 32.56
N ALA A 639 -2.47 -19.70 33.56
CA ALA A 639 -1.39 -20.67 33.42
C ALA A 639 -1.92 -22.08 33.23
N HIS A 640 -2.94 -22.45 34.03
CA HIS A 640 -3.55 -23.77 33.90
C HIS A 640 -4.04 -24.00 32.48
N ILE A 641 -4.79 -23.06 31.93
CA ILE A 641 -5.31 -23.20 30.57
C ILE A 641 -4.17 -23.27 29.57
N LEU A 642 -3.22 -22.34 29.67
CA LEU A 642 -2.17 -22.21 28.67
C LEU A 642 -1.28 -23.44 28.63
N ILE A 643 -1.20 -24.20 29.73
CA ILE A 643 -0.44 -25.44 29.70
C ILE A 643 -1.32 -26.60 29.24
N ASN A 644 -2.47 -26.77 29.90
CA ASN A 644 -3.28 -27.97 29.69
C ASN A 644 -3.84 -28.03 28.28
N GLN A 645 -4.45 -26.95 27.79
CA GLN A 645 -5.06 -27.02 26.47
C GLN A 645 -4.02 -27.05 25.38
N GLY A 646 -2.83 -26.49 25.62
CA GLY A 646 -1.74 -26.67 24.68
C GLY A 646 -1.31 -28.12 24.58
N HIS A 647 -1.18 -28.80 25.71
CA HIS A 647 -0.85 -30.22 25.68
C HIS A 647 -1.93 -31.02 24.98
N MET A 648 -3.20 -30.69 25.20
CA MET A 648 -4.29 -31.37 24.50
C MET A 648 -4.24 -31.14 23.00
N VAL A 649 -3.97 -29.90 22.57
CA VAL A 649 -3.86 -29.62 21.15
C VAL A 649 -2.74 -30.44 20.53
N ASP A 650 -1.61 -30.54 21.23
CA ASP A 650 -0.51 -31.34 20.67
C ASP A 650 -0.85 -32.82 20.62
N LEU A 651 -1.56 -33.34 21.63
CA LEU A 651 -1.90 -34.76 21.61
C LEU A 651 -3.09 -35.06 20.70
N MET A 652 -3.71 -34.04 20.12
CA MET A 652 -4.84 -34.26 19.20
C MET A 652 -4.49 -35.27 18.11
N ARG A 653 -3.22 -35.35 17.69
CA ARG A 653 -2.89 -36.09 16.48
C ARG A 653 -3.08 -37.59 16.65
N THR A 654 -3.00 -38.11 17.87
CA THR A 654 -3.06 -39.55 18.07
C THR A 654 -4.49 -40.08 18.19
N LYS A 655 -5.41 -39.29 18.73
CA LYS A 655 -6.77 -39.76 18.91
C LYS A 655 -7.45 -39.96 17.57
N ALA A 656 -8.34 -40.96 17.52
CA ALA A 656 -9.07 -41.29 16.30
C ALA A 656 -10.53 -41.49 16.66
N PRO A 657 -11.46 -41.16 15.75
CA PRO A 657 -11.27 -40.57 14.42
C PRO A 657 -10.78 -39.12 14.47
N ALA A 658 -10.03 -38.69 13.46
CA ALA A 658 -9.35 -37.40 13.54
C ALA A 658 -10.32 -36.23 13.38
N GLU A 659 -11.35 -36.37 12.56
CA GLU A 659 -12.23 -35.24 12.27
C GLU A 659 -13.00 -34.80 13.51
N VAL A 660 -13.56 -35.75 14.25
CA VAL A 660 -14.31 -35.38 15.45
C VAL A 660 -13.37 -34.82 16.52
N ALA A 661 -12.15 -35.36 16.62
CA ALA A 661 -11.19 -34.80 17.55
C ALA A 661 -10.83 -33.36 17.20
N LEU A 662 -10.64 -33.08 15.91
CA LEU A 662 -10.34 -31.71 15.49
C LEU A 662 -11.50 -30.78 15.79
N GLU A 663 -12.73 -31.24 15.54
CA GLU A 663 -13.89 -30.41 15.84
C GLU A 663 -14.01 -30.14 17.33
N ARG A 664 -13.77 -31.15 18.16
CA ARG A 664 -13.85 -30.97 19.60
C ARG A 664 -12.78 -30.01 20.09
N THR A 665 -11.56 -30.12 19.55
CA THR A 665 -10.50 -29.19 19.91
C THR A 665 -10.83 -27.76 19.48
N TYR A 666 -11.43 -27.61 18.30
CA TYR A 666 -11.87 -26.28 17.88
C TYR A 666 -12.91 -25.71 18.84
N ASN A 667 -13.87 -26.54 19.27
CA ASN A 667 -14.88 -26.07 20.20
C ASN A 667 -14.28 -25.72 21.56
N THR A 668 -13.23 -26.43 21.97
CA THR A 668 -12.56 -26.09 23.21
C THR A 668 -11.83 -24.76 23.10
N LEU A 669 -11.13 -24.55 21.98
CA LEU A 669 -10.32 -23.34 21.84
C LEU A 669 -11.18 -22.11 21.55
N LYS A 670 -12.37 -22.30 20.98
CA LYS A 670 -13.19 -21.17 20.54
C LYS A 670 -13.58 -20.27 21.71
N GLY A 671 -14.03 -20.88 22.81
CA GLY A 671 -14.49 -20.08 23.93
C GLY A 671 -13.36 -19.38 24.66
N THR A 672 -12.13 -19.84 24.48
CA THR A 672 -11.01 -19.28 25.22
C THR A 672 -10.28 -18.22 24.43
N VAL A 673 -10.06 -18.44 23.13
CA VAL A 673 -9.28 -17.50 22.33
C VAL A 673 -10.11 -16.84 21.23
N GLY A 674 -11.15 -17.51 20.74
CA GLY A 674 -11.94 -16.97 19.66
C GLY A 674 -11.92 -17.89 18.45
N SER A 675 -12.90 -17.70 17.56
CA SER A 675 -13.01 -18.56 16.39
C SER A 675 -11.79 -18.43 15.48
N LYS A 676 -11.43 -17.18 15.12
CA LYS A 676 -10.27 -16.98 14.27
C LYS A 676 -9.00 -17.49 14.93
N GLY A 677 -8.90 -17.33 16.25
CA GLY A 677 -7.78 -17.91 16.97
C GLY A 677 -7.80 -19.42 16.97
N ALA A 678 -8.98 -20.02 17.13
CA ALA A 678 -9.07 -21.47 17.09
C ALA A 678 -8.72 -22.02 15.71
N GLU A 679 -8.81 -21.19 14.67
CA GLU A 679 -8.33 -21.61 13.36
C GLU A 679 -6.81 -21.42 13.23
N VAL A 680 -6.31 -20.26 13.66
CA VAL A 680 -4.90 -19.93 13.48
C VAL A 680 -4.02 -20.89 14.27
N VAL A 681 -4.40 -21.19 15.51
CA VAL A 681 -3.58 -22.07 16.33
C VAL A 681 -3.48 -23.45 15.71
N LEU A 682 -4.60 -23.98 15.21
CA LEU A 682 -4.56 -25.29 14.56
C LEU A 682 -3.72 -25.26 13.30
N LYS A 683 -3.80 -24.21 12.49
CA LYS A 683 -2.96 -24.13 11.31
C LYS A 683 -1.48 -24.11 11.69
N ALA A 684 -1.13 -23.32 12.70
CA ALA A 684 0.26 -23.26 13.14
C ALA A 684 0.74 -24.60 13.68
N HIS A 685 -0.13 -25.31 14.38
CA HIS A 685 0.28 -26.62 14.91
C HIS A 685 0.42 -27.64 13.80
N ARG A 686 -0.40 -27.52 12.75
CA ARG A 686 -0.20 -28.39 11.59
C ARG A 686 1.14 -28.13 10.92
N ASP A 687 1.50 -26.85 10.79
CA ASP A 687 2.80 -26.53 10.22
C ASP A 687 3.93 -27.06 11.08
N PHE A 688 3.80 -26.94 12.41
CA PHE A 688 4.82 -27.50 13.30
C PHE A 688 4.90 -29.01 13.16
N PHE A 689 3.75 -29.68 13.02
CA PHE A 689 3.75 -31.12 12.81
C PHE A 689 4.53 -31.48 11.55
N PHE A 690 4.29 -30.78 10.46
CA PHE A 690 4.99 -31.10 9.22
C PHE A 690 6.47 -30.75 9.30
N ALA A 691 6.82 -29.69 10.03
CA ALA A 691 8.22 -29.30 10.13
C ALA A 691 9.02 -30.29 10.98
N THR A 692 8.47 -30.68 12.13
CA THR A 692 9.20 -31.57 13.02
C THR A 692 9.25 -33.00 12.50
N GLY A 693 8.19 -33.45 11.83
CA GLY A 693 8.22 -34.75 11.19
C GLY A 693 7.35 -35.81 11.83
N ALA A 694 6.21 -35.42 12.37
CA ALA A 694 5.28 -36.39 12.93
C ALA A 694 4.31 -36.89 11.87
N VAL A 695 3.54 -37.90 12.24
CA VAL A 695 2.51 -38.41 11.33
C VAL A 695 1.16 -37.82 11.70
N VAL A 696 0.38 -37.47 10.67
CA VAL A 696 -0.92 -36.83 10.87
C VAL A 696 -1.99 -37.66 10.18
N PRO A 697 -3.01 -38.11 10.89
CA PRO A 697 -4.10 -38.86 10.25
C PRO A 697 -4.88 -37.97 9.29
N LEU A 698 -5.50 -38.62 8.30
CA LEU A 698 -6.21 -37.91 7.24
C LEU A 698 -7.55 -37.39 7.76
N VAL A 699 -7.83 -36.11 7.49
CA VAL A 699 -9.10 -35.49 7.88
C VAL A 699 -10.00 -35.47 6.65
N ASN A 700 -11.14 -36.17 6.74
CA ASN A 700 -12.02 -36.38 5.59
C ASN A 700 -13.47 -36.38 6.08
N PRO A 701 -14.04 -35.19 6.31
CA PRO A 701 -15.36 -35.12 6.96
C PRO A 701 -16.55 -35.35 6.03
N GLU A 702 -16.35 -35.66 4.75
CA GLU A 702 -17.48 -35.92 3.87
C GLU A 702 -17.20 -37.12 2.98
N ALA A 703 -16.18 -37.90 3.33
CA ALA A 703 -15.90 -39.18 2.67
C ALA A 703 -15.79 -39.04 1.16
N ILE A 704 -15.09 -38.00 0.70
CA ILE A 704 -14.93 -37.78 -0.74
C ILE A 704 -14.21 -38.94 -1.39
N ASP A 705 -13.36 -39.65 -0.65
CA ASP A 705 -12.58 -40.77 -1.16
C ASP A 705 -13.43 -41.99 -1.49
N ASP A 706 -14.76 -41.87 -1.41
CA ASP A 706 -15.72 -42.92 -1.72
C ASP A 706 -15.54 -44.19 -0.90
N PRO A 707 -15.67 -44.13 0.43
CA PRO A 707 -15.80 -45.37 1.20
C PRO A 707 -17.27 -45.81 1.26
N SER A 708 -17.49 -46.95 1.92
CA SER A 708 -18.86 -47.39 2.17
C SER A 708 -19.58 -46.50 3.16
N ARG A 709 -18.86 -45.87 4.08
CA ARG A 709 -19.40 -44.94 5.06
C ARG A 709 -18.27 -44.06 5.56
N GLY A 710 -18.62 -42.89 6.09
CA GLY A 710 -17.62 -41.99 6.61
C GLY A 710 -16.95 -42.46 7.89
N GLY A 711 -17.59 -43.37 8.62
CA GLY A 711 -17.07 -43.83 9.89
C GLY A 711 -18.00 -43.44 11.03
N PRO A 712 -18.14 -44.31 12.02
CA PRO A 712 -19.03 -44.02 13.15
C PRO A 712 -18.60 -42.76 13.89
N TYR A 713 -19.59 -41.99 14.32
CA TYR A 713 -19.31 -40.79 15.10
C TYR A 713 -19.00 -41.18 16.54
N GLU A 714 -17.93 -40.61 17.08
CA GLU A 714 -17.47 -41.01 18.41
C GLU A 714 -16.60 -39.89 18.98
N ASN A 715 -17.04 -39.30 20.08
CA ASN A 715 -16.19 -38.36 20.80
C ASN A 715 -14.96 -39.13 21.31
N PRO A 716 -13.78 -38.85 20.77
CA PRO A 716 -12.60 -39.66 21.13
C PRO A 716 -12.27 -39.61 22.60
N TYR A 717 -12.46 -38.48 23.27
CA TYR A 717 -12.08 -38.37 24.67
C TYR A 717 -13.09 -39.04 25.59
N SER A 718 -14.37 -39.00 25.25
CA SER A 718 -15.42 -39.51 26.14
C SER A 718 -16.03 -40.82 25.69
N GLY A 719 -16.14 -41.07 24.39
CA GLY A 719 -16.75 -42.29 23.91
C GLY A 719 -18.23 -42.18 23.60
N GLU A 720 -18.75 -40.98 23.38
CA GLU A 720 -20.16 -40.81 23.05
C GLU A 720 -20.47 -41.37 21.67
N LYS A 721 -21.62 -42.01 21.54
CA LYS A 721 -22.15 -42.46 20.26
C LYS A 721 -23.64 -42.19 20.22
N PHE A 722 -24.13 -41.72 19.07
CA PHE A 722 -25.53 -41.36 18.90
C PHE A 722 -26.25 -42.51 18.23
N VAL A 723 -27.27 -43.06 18.91
CA VAL A 723 -27.99 -44.20 18.38
C VAL A 723 -29.33 -43.76 17.80
N ILE A 724 -29.63 -44.24 16.60
CA ILE A 724 -30.95 -44.07 16.00
C ILE A 724 -31.68 -45.41 16.09
N VAL A 725 -33.00 -45.33 16.19
CA VAL A 725 -33.81 -46.51 16.49
C VAL A 725 -34.13 -47.30 15.23
N ASP A 726 -34.84 -46.68 14.29
CA ASP A 726 -35.36 -47.40 13.14
C ASP A 726 -35.01 -46.67 11.85
N ASP A 727 -33.74 -46.30 11.69
CA ASP A 727 -33.21 -45.65 10.50
C ASP A 727 -33.89 -44.31 10.23
N LYS A 728 -34.42 -43.67 11.26
CA LYS A 728 -35.06 -42.36 11.13
C LYS A 728 -33.97 -41.29 11.18
N VAL A 729 -33.49 -40.91 10.00
CA VAL A 729 -32.42 -39.92 9.94
C VAL A 729 -32.94 -38.57 10.45
N PRO A 730 -32.24 -37.91 11.37
CA PRO A 730 -32.74 -36.63 11.88
C PRO A 730 -32.47 -35.49 10.92
N ALA A 731 -32.81 -34.27 11.33
CA ALA A 731 -32.59 -33.10 10.48
C ALA A 731 -31.90 -31.96 11.23
N SER A 732 -31.55 -32.15 12.50
CA SER A 732 -30.87 -31.12 13.27
C SER A 732 -30.17 -31.79 14.44
N LYS A 733 -29.17 -31.09 14.98
CA LYS A 733 -28.41 -31.64 16.10
C LYS A 733 -29.30 -31.80 17.33
N LYS A 734 -30.24 -30.88 17.54
CA LYS A 734 -31.12 -30.98 18.70
C LYS A 734 -32.03 -32.19 18.61
N ASP A 735 -32.26 -32.70 17.40
CA ASP A 735 -33.13 -33.87 17.24
C ASP A 735 -32.47 -35.14 17.76
N LEU A 736 -31.15 -35.12 17.93
CA LEU A 736 -30.45 -36.30 18.38
C LEU A 736 -30.84 -36.65 19.82
N PRO A 737 -31.13 -37.92 20.10
CA PRO A 737 -31.31 -38.33 21.50
C PRO A 737 -29.98 -38.30 22.25
N LYS A 738 -30.06 -38.49 23.56
CA LYS A 738 -28.88 -38.41 24.40
C LYS A 738 -27.88 -39.49 24.04
N ALA A 739 -26.60 -39.14 24.09
CA ALA A 739 -25.54 -40.04 23.64
C ALA A 739 -25.36 -41.21 24.59
N VAL A 740 -25.30 -42.42 24.03
CA VAL A 740 -25.00 -43.60 24.82
C VAL A 740 -23.49 -43.71 25.02
N ASN A 741 -23.10 -44.61 25.92
CA ASN A 741 -21.70 -44.79 26.25
C ASN A 741 -21.00 -45.70 25.24
N ARG A 742 -19.69 -45.88 25.43
CA ARG A 742 -18.86 -46.55 24.45
C ARG A 742 -19.22 -48.02 24.29
N ASP A 743 -19.66 -48.66 25.37
CA ASP A 743 -19.95 -50.10 25.34
C ASP A 743 -21.43 -50.41 25.13
N TYR A 744 -22.20 -49.46 24.62
CA TYR A 744 -23.61 -49.72 24.33
C TYR A 744 -23.73 -50.59 23.09
N LYS A 745 -24.63 -51.57 23.12
CA LYS A 745 -24.76 -52.49 22.01
C LYS A 745 -25.93 -52.11 21.11
N LEU A 746 -25.81 -52.44 19.83
CA LEU A 746 -26.91 -52.23 18.90
C LEU A 746 -27.71 -53.51 18.70
N LYS A 747 -29.02 -53.34 18.57
CA LYS A 747 -29.94 -54.46 18.41
C LYS A 747 -30.95 -54.13 17.31
N ASP A 748 -31.73 -55.16 16.97
CA ASP A 748 -32.82 -55.01 15.96
C ASP A 748 -32.34 -54.27 14.71
N ASN A 749 -32.89 -53.09 14.47
CA ASN A 749 -32.60 -52.35 13.26
C ASN A 749 -32.01 -50.98 13.60
N GLU A 750 -31.32 -50.90 14.72
CA GLU A 750 -30.70 -49.67 15.17
C GLU A 750 -29.41 -49.42 14.39
N ARG A 751 -28.99 -48.16 14.34
CA ARG A 751 -27.83 -47.77 13.55
C ARG A 751 -27.08 -46.67 14.27
N PHE A 752 -25.75 -46.69 14.13
CA PHE A 752 -24.89 -45.65 14.67
C PHE A 752 -24.93 -44.43 13.76
N LEU A 753 -24.89 -43.26 14.36
CA LEU A 753 -24.82 -42.03 13.57
C LEU A 753 -23.48 -41.97 12.85
N THR A 754 -23.52 -41.68 11.56
CA THR A 754 -22.31 -41.63 10.74
C THR A 754 -21.84 -40.19 10.59
N ILE A 755 -20.52 -40.03 10.45
CA ILE A 755 -19.93 -38.70 10.35
C ILE A 755 -20.51 -37.94 9.18
N LYS A 756 -20.72 -38.62 8.05
CA LYS A 756 -21.32 -37.98 6.89
C LYS A 756 -22.70 -37.42 7.23
N GLU A 757 -23.56 -38.26 7.83
CA GLU A 757 -24.89 -37.80 8.21
C GLU A 757 -24.81 -36.70 9.25
N TYR A 758 -23.87 -36.81 10.21
CA TYR A 758 -23.74 -35.80 11.24
C TYR A 758 -23.40 -34.45 10.65
N TYR A 759 -22.47 -34.42 9.68
CA TYR A 759 -22.11 -33.16 9.07
C TYR A 759 -23.05 -32.78 7.93
N ALA A 760 -24.05 -33.61 7.64
CA ALA A 760 -25.10 -33.19 6.72
C ALA A 760 -26.11 -32.27 7.41
N PHE A 761 -26.08 -32.21 8.74
CA PHE A 761 -27.03 -31.38 9.46
C PHE A 761 -26.75 -29.91 9.21
N PRO A 762 -27.78 -29.06 9.10
CA PRO A 762 -27.53 -27.66 8.75
C PRO A 762 -26.95 -26.84 9.88
N ASP A 763 -27.43 -27.03 11.11
CA ASP A 763 -26.96 -26.21 12.23
C ASP A 763 -25.48 -26.41 12.49
N VAL A 764 -25.00 -27.66 12.41
CA VAL A 764 -23.57 -27.92 12.56
C VAL A 764 -22.80 -27.30 11.41
N GLN A 765 -23.38 -27.33 10.20
CA GLN A 765 -22.73 -26.68 9.06
C GLN A 765 -22.55 -25.19 9.30
N GLN A 766 -23.57 -24.53 9.84
CA GLN A 766 -23.48 -23.08 10.05
C GLN A 766 -22.55 -22.75 11.20
N THR A 767 -22.65 -23.49 12.32
CA THR A 767 -21.93 -23.13 13.53
C THR A 767 -20.44 -23.46 13.44
N TYR A 768 -20.09 -24.62 12.88
CA TYR A 768 -18.71 -25.08 12.89
C TYR A 768 -18.13 -24.96 11.49
N PRO A 769 -17.15 -24.07 11.28
CA PRO A 769 -16.69 -23.79 9.91
C PRO A 769 -16.08 -24.97 9.17
N GLY A 770 -15.66 -26.02 9.88
CA GLY A 770 -14.89 -27.06 9.24
C GLY A 770 -15.74 -28.14 8.57
N TYR A 771 -17.03 -27.87 8.38
CA TYR A 771 -17.92 -28.89 7.83
C TYR A 771 -17.54 -29.30 6.41
N LYS A 772 -17.01 -28.37 5.62
CA LYS A 772 -16.79 -28.66 4.21
C LYS A 772 -15.32 -28.97 3.91
N THR A 773 -14.40 -28.56 4.78
CA THR A 773 -12.99 -28.58 4.46
C THR A 773 -12.46 -30.01 4.28
N ARG A 774 -11.24 -30.09 3.76
CA ARG A 774 -10.50 -31.34 3.63
C ARG A 774 -9.03 -31.03 3.86
N LEU A 775 -8.36 -31.87 4.63
CA LEU A 775 -6.99 -31.61 5.04
C LEU A 775 -6.04 -32.66 4.46
N GLU A 776 -4.81 -32.22 4.20
CA GLU A 776 -3.82 -33.07 3.56
C GLU A 776 -3.28 -34.10 4.54
N ALA A 777 -3.20 -35.35 4.10
CA ALA A 777 -2.60 -36.40 4.92
C ALA A 777 -1.08 -36.23 4.96
N SER A 778 -0.47 -36.81 6.01
CA SER A 778 0.96 -36.65 6.19
C SER A 778 1.75 -37.51 5.20
N SER A 779 1.34 -38.76 4.99
CA SER A 779 2.07 -39.64 4.10
C SER A 779 2.05 -39.14 2.65
N TYR A 780 1.07 -38.31 2.29
CA TYR A 780 1.04 -37.72 0.96
C TYR A 780 2.25 -36.81 0.75
N TYR A 781 2.59 -36.01 1.77
CA TYR A 781 3.79 -35.19 1.74
C TYR A 781 4.98 -35.93 2.32
N PHE A 782 4.72 -37.03 3.01
CA PHE A 782 5.70 -37.88 3.70
C PHE A 782 6.90 -37.12 4.29
N PRO A 783 6.68 -36.28 5.31
CA PRO A 783 7.82 -35.77 6.09
C PRO A 783 8.19 -36.76 7.19
N THR A 784 8.67 -37.93 6.76
CA THR A 784 8.77 -39.10 7.63
C THR A 784 10.01 -39.88 7.25
N PRO A 785 10.76 -40.41 8.21
CA PRO A 785 10.62 -40.26 9.66
C PRO A 785 11.71 -39.41 10.31
N PHE A 786 12.08 -38.25 9.77
CA PHE A 786 13.22 -37.52 10.33
C PHE A 786 12.88 -36.84 11.66
N ALA A 787 11.73 -37.15 12.26
CA ALA A 787 11.49 -36.74 13.64
C ALA A 787 12.47 -37.40 14.59
N GLY A 788 12.80 -38.67 14.35
CA GLY A 788 13.85 -39.32 15.13
C GLY A 788 15.19 -38.65 14.98
N GLU A 789 15.44 -38.02 13.82
CA GLU A 789 16.66 -37.25 13.66
C GLU A 789 16.59 -35.92 14.39
N CYS A 790 15.42 -35.26 14.37
CA CYS A 790 15.25 -34.01 15.10
C CYS A 790 15.42 -34.24 16.60
N GLU A 791 15.06 -35.43 17.08
CA GLU A 791 15.15 -35.73 18.51
C GLU A 791 16.59 -35.68 19.01
N GLN A 792 17.57 -35.70 18.11
CA GLN A 792 18.97 -35.79 18.53
C GLN A 792 19.50 -34.46 19.05
N ASN A 793 19.01 -33.33 18.52
CA ASN A 793 19.56 -32.04 18.94
C ASN A 793 18.49 -30.97 19.03
N PRO A 794 18.46 -30.18 20.12
CA PRO A 794 17.41 -29.15 20.26
C PRO A 794 17.47 -28.06 19.20
N ALA A 795 18.67 -27.70 18.75
CA ALA A 795 18.83 -26.56 17.85
C ALA A 795 18.11 -26.78 16.53
N LYS A 796 18.17 -27.99 15.98
CA LYS A 796 17.49 -28.28 14.72
C LYS A 796 16.00 -28.03 14.82
N CYS A 797 15.36 -28.62 15.83
CA CYS A 797 13.91 -28.46 15.98
C CYS A 797 13.54 -27.02 16.29
N LEU A 798 14.33 -26.33 17.11
CA LEU A 798 14.01 -24.94 17.42
C LEU A 798 14.12 -24.04 16.19
N GLY A 799 15.17 -24.23 15.38
CA GLY A 799 15.27 -23.47 14.15
C GLY A 799 14.15 -23.77 13.18
N ALA A 800 13.76 -25.04 13.09
CA ALA A 800 12.63 -25.40 12.22
C ALA A 800 11.34 -24.74 12.69
N ILE A 801 11.12 -24.70 14.00
CA ILE A 801 9.92 -24.05 14.54
C ILE A 801 9.92 -22.57 14.20
N GLN A 802 11.05 -21.89 14.39
CA GLN A 802 11.13 -20.48 14.04
C GLN A 802 10.90 -20.25 12.55
N LYS A 803 11.47 -21.12 11.70
CA LYS A 803 11.29 -21.00 10.26
C LYS A 803 9.82 -21.12 9.90
N ALA A 804 9.12 -22.11 10.45
CA ALA A 804 7.71 -22.27 10.15
C ALA A 804 6.89 -21.08 10.64
N ARG A 805 7.23 -20.54 11.82
CA ARG A 805 6.49 -19.40 12.34
C ARG A 805 6.63 -18.18 11.43
N SER A 806 7.84 -17.92 10.94
CA SER A 806 8.01 -16.79 10.02
C SER A 806 7.32 -17.05 8.68
N LYS A 807 7.41 -18.29 8.20
CA LYS A 807 6.80 -18.63 6.91
C LYS A 807 5.30 -18.42 6.93
N LEU A 808 4.64 -18.81 8.03
CA LEU A 808 3.20 -18.60 8.13
C LEU A 808 2.83 -17.13 8.00
N GLN A 809 3.54 -16.27 8.73
CA GLN A 809 3.19 -14.85 8.72
C GLN A 809 3.41 -14.24 7.34
N THR A 810 4.52 -14.59 6.68
CA THR A 810 4.75 -14.05 5.34
C THR A 810 3.71 -14.57 4.35
N ASP A 811 3.44 -15.88 4.38
CA ASP A 811 2.52 -16.46 3.41
C ASP A 811 1.10 -15.95 3.60
N ALA A 812 0.72 -15.56 4.82
CA ALA A 812 -0.61 -15.00 5.02
C ALA A 812 -0.82 -13.77 4.15
N ILE A 813 0.10 -12.80 4.23
CA ILE A 813 -0.03 -11.59 3.42
C ILE A 813 0.11 -11.91 1.94
N LYS A 814 1.07 -12.77 1.58
CA LYS A 814 1.29 -13.05 0.15
C LYS A 814 0.07 -13.72 -0.47
N ASN A 815 -0.60 -14.60 0.26
CA ASN A 815 -1.84 -15.20 -0.24
C ASN A 815 -3.00 -14.20 -0.20
N GLY A 816 -2.96 -13.25 0.74
CA GLY A 816 -3.96 -12.20 0.74
C GLY A 816 -3.94 -11.39 -0.53
N PHE A 817 -2.74 -11.05 -1.01
CA PHE A 817 -2.64 -10.31 -2.26
C PHE A 817 -2.56 -11.27 -3.45
N GLN A 818 -2.64 -10.69 -4.64
CA GLN A 818 -2.53 -11.47 -5.86
C GLN A 818 -1.12 -12.01 -6.01
N SER A 819 -1.01 -13.20 -6.60
CA SER A 819 0.29 -13.81 -6.82
C SER A 819 1.04 -13.06 -7.93
N SER A 820 2.37 -13.15 -7.89
CA SER A 820 3.22 -12.48 -8.86
C SER A 820 3.15 -13.23 -10.19
N SER A 821 2.56 -12.59 -11.20
CA SER A 821 2.45 -13.25 -12.51
C SER A 821 3.82 -13.41 -13.16
N GLU A 822 4.62 -12.35 -13.16
CA GLU A 822 5.96 -12.41 -13.75
C GLU A 822 6.90 -11.56 -12.92
N LYS A 823 8.19 -11.88 -12.99
CA LYS A 823 9.21 -11.10 -12.30
C LYS A 823 9.91 -10.11 -13.24
N GLU A 824 9.85 -10.35 -14.54
CA GLU A 824 10.45 -9.43 -15.49
C GLU A 824 9.69 -8.10 -15.49
N ARG A 825 10.44 -7.01 -15.59
CA ARG A 825 9.84 -5.68 -15.49
C ARG A 825 9.00 -5.36 -16.71
N ARG A 826 8.10 -4.39 -16.54
CA ARG A 826 7.16 -4.04 -17.60
C ARG A 826 7.88 -3.39 -18.78
N GLN A 827 7.23 -3.45 -19.94
CA GLN A 827 7.66 -2.61 -21.04
C GLN A 827 7.12 -1.19 -20.84
N PRO A 828 7.87 -0.12 -21.24
CA PRO A 828 7.46 1.25 -20.93
C PRO A 828 6.11 1.71 -21.48
N ASN A 829 5.46 2.61 -20.74
CA ASN A 829 4.17 3.18 -21.22
C ASN A 829 4.48 4.28 -22.24
N MET A 830 3.56 4.53 -23.17
CA MET A 830 3.80 5.56 -24.23
C MET A 830 4.23 6.88 -23.58
N ASP A 831 3.55 7.29 -22.50
CA ASP A 831 3.86 8.58 -21.89
C ASP A 831 5.24 8.59 -21.26
N GLU A 832 5.72 7.45 -20.76
CA GLU A 832 7.06 7.41 -20.21
C GLU A 832 8.12 7.55 -21.28
N ILE A 833 7.90 6.93 -22.44
CA ILE A 833 8.82 7.12 -23.57
C ILE A 833 8.83 8.59 -23.97
N ALA A 834 7.66 9.21 -24.03
CA ALA A 834 7.59 10.64 -24.36
C ALA A 834 8.34 11.48 -23.34
N ALA A 835 8.18 11.17 -22.04
CA ALA A 835 8.87 11.92 -21.00
C ALA A 835 10.37 11.74 -21.10
N ALA A 836 10.84 10.53 -21.40
CA ALA A 836 12.26 10.30 -21.57
C ALA A 836 12.81 11.12 -22.73
N ARG A 837 12.07 11.15 -23.84
CA ARG A 837 12.50 11.98 -24.97
C ARG A 837 12.53 13.46 -24.60
N ILE A 838 11.54 13.92 -23.84
CA ILE A 838 11.52 15.32 -23.41
C ILE A 838 12.74 15.63 -22.54
N ILE A 839 13.05 14.73 -21.61
CA ILE A 839 14.19 14.95 -20.72
C ILE A 839 15.48 15.00 -21.52
N GLN A 840 15.66 14.07 -22.45
CA GLN A 840 16.86 14.08 -23.29
C GLN A 840 16.93 15.36 -24.12
N GLN A 841 15.80 15.80 -24.67
CA GLN A 841 15.78 17.02 -25.47
C GLN A 841 16.17 18.23 -24.64
N ILE A 842 15.72 18.27 -23.38
CA ILE A 842 16.14 19.34 -22.48
C ILE A 842 17.64 19.25 -22.22
N MET A 843 18.15 18.04 -22.03
CA MET A 843 19.60 17.84 -21.89
C MET A 843 20.36 18.33 -23.10
N ALA A 844 19.73 18.31 -24.28
CA ALA A 844 20.44 18.69 -25.50
C ALA A 844 21.03 20.09 -25.41
N ASN A 845 20.31 21.03 -24.80
CA ASN A 845 20.82 22.38 -24.66
C ASN A 845 20.15 23.10 -23.49
N PRO A 846 20.90 23.85 -22.68
CA PRO A 846 20.29 24.54 -21.55
C PRO A 846 19.94 26.00 -21.84
N ASP A 847 20.32 26.52 -23.01
CA ASP A 847 19.95 27.89 -23.35
C ASP A 847 18.44 28.07 -23.43
N CYS A 848 17.72 27.01 -23.81
CA CYS A 848 16.27 27.08 -23.90
C CYS A 848 15.60 27.11 -22.54
N ILE A 849 16.35 26.91 -21.46
CA ILE A 849 15.77 26.96 -20.12
C ILE A 849 15.69 28.41 -19.66
N HIS A 850 14.50 28.82 -19.24
CA HIS A 850 14.28 30.14 -18.67
C HIS A 850 14.07 30.05 -17.16
N ASP A 851 14.18 31.20 -16.50
CA ASP A 851 14.24 31.24 -15.04
C ASP A 851 12.93 30.84 -14.37
N ASP A 852 11.80 30.90 -15.07
CA ASP A 852 10.54 30.51 -14.45
C ASP A 852 9.70 29.60 -15.34
N HIS A 853 10.20 29.20 -16.51
CA HIS A 853 9.50 28.28 -17.38
C HIS A 853 10.51 27.64 -18.32
N VAL A 854 10.15 26.48 -18.86
CA VAL A 854 11.00 25.77 -19.80
C VAL A 854 10.36 25.81 -21.18
N LEU A 855 11.11 26.33 -22.15
CA LEU A 855 10.68 26.38 -23.54
C LEU A 855 11.55 25.46 -24.38
N ILE A 856 10.92 24.64 -25.20
CA ILE A 856 11.65 23.72 -26.06
C ILE A 856 10.80 23.41 -27.28
N ASN A 857 11.42 23.48 -28.47
CA ASN A 857 10.75 23.23 -29.74
C ASN A 857 9.50 24.07 -29.90
N GLY A 858 9.57 25.35 -29.52
CA GLY A 858 8.44 26.24 -29.68
C GLY A 858 7.32 26.02 -28.69
N GLN A 859 7.52 25.18 -27.69
CA GLN A 859 6.49 24.91 -26.69
C GLN A 859 7.05 25.15 -25.29
N LYS A 860 6.24 25.74 -24.44
CA LYS A 860 6.64 26.05 -23.06
C LYS A 860 6.10 25.00 -22.11
N LEU A 861 6.75 24.87 -20.96
CA LEU A 861 6.35 23.95 -19.91
C LEU A 861 6.37 24.67 -18.57
N GLU A 862 5.38 24.37 -17.74
CA GLU A 862 5.26 24.98 -16.43
C GLU A 862 5.84 24.06 -15.36
N GLU A 863 5.96 24.60 -14.14
CA GLU A 863 6.36 23.78 -13.00
C GLU A 863 5.39 22.64 -12.77
N LYS A 864 4.11 22.84 -13.12
CA LYS A 864 3.10 21.81 -12.93
C LYS A 864 3.43 20.57 -13.76
N PHE A 865 3.90 20.76 -14.98
CA PHE A 865 4.21 19.62 -15.84
C PHE A 865 5.31 18.76 -15.21
N PHE A 866 6.41 19.38 -14.78
CA PHE A 866 7.47 18.59 -14.17
C PHE A 866 7.02 17.95 -12.87
N ARG A 867 6.25 18.69 -12.06
CA ARG A 867 5.84 18.17 -10.76
C ARG A 867 4.93 16.95 -10.93
N ASP A 868 3.92 17.04 -11.78
CA ASP A 868 3.02 15.90 -11.94
C ASP A 868 3.66 14.80 -12.78
N LEU A 869 4.69 15.12 -13.57
CA LEU A 869 5.50 14.07 -14.18
C LEU A 869 6.23 13.26 -13.13
N LEU A 870 6.80 13.95 -12.14
CA LEU A 870 7.42 13.25 -11.01
C LEU A 870 6.38 12.44 -10.24
N ALA A 871 5.21 13.01 -10.01
CA ALA A 871 4.22 12.36 -9.16
C ALA A 871 3.59 11.15 -9.86
N LYS A 872 3.50 11.17 -11.19
CA LYS A 872 2.70 10.17 -11.88
C LYS A 872 3.54 9.04 -12.45
N CYS A 873 4.59 9.35 -13.20
CA CYS A 873 5.29 8.36 -14.02
C CYS A 873 6.43 7.70 -13.24
N ASP A 874 6.81 6.53 -13.71
CA ASP A 874 7.98 5.79 -13.23
C ASP A 874 9.24 6.58 -13.52
N MET A 875 10.17 6.58 -12.57
CA MET A 875 11.48 7.17 -12.82
C MET A 875 12.50 6.12 -13.27
N ALA A 876 12.33 4.86 -12.87
CA ALA A 876 13.33 3.84 -13.22
C ALA A 876 13.37 3.58 -14.72
N VAL A 877 12.22 3.33 -15.33
CA VAL A 877 12.19 3.05 -16.77
C VAL A 877 12.64 4.27 -17.57
N VAL A 878 12.15 5.44 -17.18
CA VAL A 878 12.53 6.67 -17.88
C VAL A 878 14.03 6.89 -17.82
N GLY A 879 14.63 6.67 -16.64
CA GLY A 879 16.09 6.75 -16.54
C GLY A 879 16.79 5.72 -17.39
N SER A 880 16.25 4.49 -17.41
CA SER A 880 16.85 3.43 -18.22
C SER A 880 16.79 3.75 -19.70
N LEU A 881 15.84 4.59 -20.12
CA LEU A 881 15.75 4.95 -21.52
C LEU A 881 16.86 5.92 -21.94
N LEU A 882 17.50 6.58 -20.97
CA LEU A 882 18.54 7.55 -21.31
C LEU A 882 19.87 6.85 -21.57
N ASN A 883 20.89 7.64 -21.89
CA ASN A 883 22.19 7.12 -22.26
C ASN A 883 23.30 8.06 -21.77
N ASP A 884 24.53 7.77 -22.20
CA ASP A 884 25.71 8.44 -21.66
C ASP A 884 25.87 9.86 -22.19
N THR A 885 25.38 10.14 -23.41
CA THR A 885 25.42 11.50 -23.92
C THR A 885 24.66 12.44 -22.99
N ASP A 886 23.56 11.97 -22.43
CA ASP A 886 22.87 12.74 -21.40
C ASP A 886 23.73 12.90 -20.15
N ILE A 887 24.56 11.90 -19.85
CA ILE A 887 25.44 12.01 -18.68
C ILE A 887 26.46 13.13 -18.87
N LYS A 888 27.00 13.26 -20.09
CA LYS A 888 27.90 14.39 -20.36
C LYS A 888 27.13 15.71 -20.40
N ASN A 889 25.91 15.69 -20.95
CA ASN A 889 25.07 16.88 -20.93
C ASN A 889 24.74 17.30 -19.50
N ILE A 890 24.82 16.37 -18.54
CA ILE A 890 24.68 16.75 -17.14
C ILE A 890 25.74 17.75 -16.75
N ASP A 891 27.00 17.44 -17.06
CA ASP A 891 28.10 18.38 -16.77
C ASP A 891 27.94 19.67 -17.55
N THR A 892 27.49 19.56 -18.81
CA THR A 892 27.24 20.78 -19.58
C THR A 892 26.20 21.68 -18.89
N LEU A 893 25.11 21.07 -18.41
CA LEU A 893 24.07 21.80 -17.71
C LEU A 893 24.62 22.43 -16.42
N MET A 894 25.43 21.66 -15.69
CA MET A 894 26.05 22.21 -14.49
C MET A 894 26.89 23.44 -14.81
N ARG A 895 27.61 23.40 -15.94
CA ARG A 895 28.34 24.57 -16.39
C ARG A 895 27.40 25.73 -16.67
N HIS A 896 26.27 25.47 -17.33
CA HIS A 896 25.36 26.56 -17.67
C HIS A 896 24.70 27.14 -16.41
N GLU A 897 24.34 26.30 -15.46
CA GLU A 897 23.55 26.72 -14.30
C GLU A 897 24.42 26.99 -13.10
N LYS A 898 25.59 27.59 -13.32
CA LYS A 898 26.56 27.80 -12.25
C LYS A 898 26.00 28.66 -11.13
N ASN A 899 25.29 29.73 -11.47
CA ASN A 899 24.97 30.78 -10.50
C ASN A 899 23.62 30.63 -9.83
N THR A 900 22.82 29.64 -10.19
CA THR A 900 21.50 29.50 -9.57
C THR A 900 21.61 29.08 -8.11
N GLU A 901 20.67 29.54 -7.30
CA GLU A 901 20.69 29.26 -5.88
C GLU A 901 20.03 27.93 -5.57
N PHE A 902 20.11 27.53 -4.30
CA PHE A 902 19.53 26.28 -3.82
C PHE A 902 19.35 26.37 -2.32
N HIS A 903 18.23 25.85 -1.82
CA HIS A 903 17.90 25.92 -0.40
C HIS A 903 17.69 24.51 0.15
N SER A 904 18.20 24.29 1.36
CA SER A 904 17.95 23.04 2.07
C SER A 904 16.66 23.15 2.87
N THR A 905 16.27 22.03 3.49
CA THR A 905 15.07 22.00 4.30
C THR A 905 15.24 22.72 5.63
N ASP A 906 16.47 22.87 6.10
CA ASP A 906 16.72 23.61 7.34
C ASP A 906 16.57 25.10 7.06
N PRO A 907 15.66 25.81 7.75
CA PRO A 907 15.50 27.24 7.48
C PRO A 907 16.74 28.06 7.76
N LYS A 908 17.64 27.59 8.63
CA LYS A 908 18.85 28.33 8.95
C LYS A 908 20.01 28.03 8.03
N ALA A 909 19.83 27.15 7.04
CA ALA A 909 20.91 26.81 6.13
C ALA A 909 21.19 27.96 5.17
N VAL A 910 22.46 28.13 4.85
CA VAL A 910 22.88 29.18 3.92
C VAL A 910 22.64 28.70 2.49
N PRO A 911 21.96 29.49 1.66
CA PRO A 911 21.78 29.09 0.26
C PRO A 911 23.11 28.93 -0.46
N VAL A 912 23.16 27.94 -1.34
CA VAL A 912 24.38 27.58 -2.07
C VAL A 912 24.08 27.57 -3.56
N LYS A 913 25.09 27.90 -4.35
CA LYS A 913 24.99 27.81 -5.81
C LYS A 913 25.34 26.39 -6.22
N ILE A 914 24.38 25.67 -6.81
CA ILE A 914 24.56 24.24 -7.04
C ILE A 914 25.64 23.99 -8.09
N GLY A 915 25.70 24.82 -9.12
CA GLY A 915 26.71 24.64 -10.15
C GLY A 915 28.13 24.83 -9.65
N ASP A 916 28.35 25.88 -8.87
CA ASP A 916 29.67 26.11 -8.29
C ASP A 916 30.06 24.97 -7.36
N ALA A 917 29.11 24.52 -6.53
CA ALA A 917 29.40 23.43 -5.61
C ALA A 917 29.76 22.16 -6.37
N TRP A 918 28.98 21.82 -7.40
CA TRP A 918 29.29 20.65 -8.21
C TRP A 918 30.68 20.75 -8.82
N GLU A 919 30.95 21.87 -9.51
CA GLU A 919 32.21 22.00 -10.23
C GLU A 919 33.40 21.94 -9.30
N ASN A 920 33.30 22.59 -8.14
CA ASN A 920 34.43 22.61 -7.22
C ASN A 920 34.59 21.28 -6.50
N ARG A 921 33.56 20.84 -5.78
CA ARG A 921 33.72 19.71 -4.88
C ARG A 921 33.42 18.38 -5.56
N ILE A 922 32.28 18.28 -6.27
CA ILE A 922 31.85 17.00 -6.80
C ILE A 922 32.64 16.64 -8.06
N ARG A 923 32.81 17.61 -8.96
CA ARG A 923 33.38 17.34 -10.28
C ARG A 923 34.84 16.91 -10.15
N THR A 924 35.10 15.63 -10.41
CA THR A 924 36.47 15.14 -10.40
C THR A 924 37.23 15.64 -11.62
N LYS A 925 38.52 15.89 -11.44
CA LYS A 925 39.36 16.38 -12.53
C LYS A 925 39.47 15.34 -13.63
N GLY A 926 38.85 15.65 -14.78
CA GLY A 926 38.99 14.84 -15.98
C GLY A 926 38.58 13.39 -15.86
N GLY A 927 37.49 13.13 -15.12
CA GLY A 927 37.07 11.75 -14.92
C GLY A 927 36.34 11.20 -16.12
N ASP A 928 36.38 9.87 -16.26
CA ASP A 928 35.60 9.18 -17.27
C ASP A 928 34.15 9.09 -16.84
N VAL A 929 33.28 8.75 -17.81
CA VAL A 929 31.84 8.84 -17.60
C VAL A 929 31.39 8.02 -16.39
N THR A 930 31.95 6.82 -16.22
CA THR A 930 31.62 6.03 -15.04
C THR A 930 32.03 6.76 -13.76
N GLN A 931 33.14 7.50 -13.82
CA GLN A 931 33.56 8.25 -12.64
C GLN A 931 32.59 9.40 -12.34
N MET A 932 32.01 10.02 -13.37
CA MET A 932 30.96 11.01 -13.13
C MET A 932 29.69 10.36 -12.58
N LYS A 933 29.39 9.14 -12.99
CA LYS A 933 28.25 8.44 -12.37
C LYS A 933 28.51 8.20 -10.89
N HIS A 934 29.71 7.75 -10.56
CA HIS A 934 30.08 7.56 -9.15
C HIS A 934 30.08 8.88 -8.41
N ASP A 935 30.45 9.97 -9.08
CA ASP A 935 30.40 11.29 -8.47
C ASP A 935 28.96 11.75 -8.22
N LEU A 936 28.03 11.37 -9.11
CA LEU A 936 26.63 11.66 -8.87
C LEU A 936 26.12 10.90 -7.64
N ILE A 937 26.50 9.63 -7.51
CA ILE A 937 26.18 8.90 -6.28
C ILE A 937 26.84 9.57 -5.07
N PHE A 938 28.06 10.06 -5.24
CA PHE A 938 28.77 10.74 -4.15
C PHE A 938 28.02 12.01 -3.75
N LEU A 939 27.47 12.74 -4.72
CA LEU A 939 26.62 13.88 -4.42
C LEU A 939 25.38 13.45 -3.66
N MET A 940 24.81 12.30 -4.03
CA MET A 940 23.71 11.76 -3.24
C MET A 940 24.14 11.49 -1.80
N GLN A 941 25.41 11.16 -1.57
CA GLN A 941 25.88 10.89 -0.21
C GLN A 941 25.70 12.09 0.70
N ASN A 942 25.97 13.29 0.20
CA ASN A 942 25.94 14.50 1.02
C ASN A 942 24.50 14.92 1.30
N ASP A 943 23.95 14.33 2.36
CA ASP A 943 22.52 14.45 2.63
C ASP A 943 22.14 15.85 3.12
N ALA A 944 23.01 16.46 3.93
CA ALA A 944 22.61 17.62 4.73
C ALA A 944 22.11 18.78 3.88
N TRP A 945 22.81 19.12 2.80
CA TRP A 945 22.52 20.34 2.07
C TRP A 945 21.68 20.14 0.82
N TYR A 946 21.65 18.94 0.25
CA TYR A 946 21.03 18.76 -1.06
C TYR A 946 19.99 17.65 -1.08
N PHE A 947 20.26 16.55 -0.36
CA PHE A 947 19.40 15.38 -0.45
C PHE A 947 18.01 15.64 0.13
N SER A 948 17.94 16.40 1.22
CA SER A 948 16.65 16.64 1.88
C SER A 948 15.68 17.36 0.94
N ARG A 949 16.17 18.37 0.23
CA ARG A 949 15.32 19.09 -0.72
C ARG A 949 14.80 18.17 -1.80
N VAL A 950 15.67 17.30 -2.33
CA VAL A 950 15.26 16.39 -3.40
C VAL A 950 14.19 15.43 -2.89
N ASN A 951 14.42 14.84 -1.72
CA ASN A 951 13.47 13.86 -1.19
C ASN A 951 12.16 14.52 -0.81
N ALA A 952 12.19 15.81 -0.42
CA ALA A 952 10.94 16.50 -0.11
C ALA A 952 10.17 16.86 -1.38
N ILE A 953 10.89 17.24 -2.45
CA ILE A 953 10.23 17.61 -3.69
C ILE A 953 9.61 16.40 -4.35
N ALA A 954 10.32 15.26 -4.33
CA ALA A 954 9.87 14.11 -5.12
C ALA A 954 8.63 13.46 -4.53
N GLN A 955 8.23 13.83 -3.31
CA GLN A 955 7.04 13.26 -2.68
C GLN A 955 6.01 14.32 -2.30
N ASN A 956 6.09 15.51 -2.91
CA ASN A 956 5.18 16.63 -2.63
C ASN A 956 5.28 17.10 -1.18
N ARG A 957 6.28 16.61 -0.44
CA ARG A 957 6.53 17.11 0.91
C ARG A 957 7.15 18.49 0.89
N ASP A 958 7.63 18.95 -0.28
CA ASP A 958 8.25 20.26 -0.41
C ASP A 958 7.22 21.37 -0.22
N LYS A 959 7.67 22.45 0.41
CA LYS A 959 6.89 23.68 0.54
C LYS A 959 7.79 24.88 0.34
N GLY A 960 7.57 25.61 -0.76
CA GLY A 960 8.25 26.87 -0.98
C GLY A 960 9.42 26.84 -1.94
N SER A 961 9.72 25.71 -2.57
CA SER A 961 10.83 25.65 -3.51
C SER A 961 10.44 26.28 -4.85
N ASN A 962 11.42 26.86 -5.52
CA ASN A 962 11.18 27.56 -6.77
C ASN A 962 11.30 26.62 -7.97
N PHE A 963 11.33 27.19 -9.17
CA PHE A 963 11.24 26.40 -10.39
C PHE A 963 12.49 25.59 -10.64
N LYS A 964 13.67 26.18 -10.42
CA LYS A 964 14.90 25.48 -10.76
C LYS A 964 15.13 24.27 -9.87
N GLU A 965 14.73 24.33 -8.59
CA GLU A 965 14.90 23.17 -7.73
C GLU A 965 14.04 21.99 -8.19
N VAL A 966 12.77 22.24 -8.54
CA VAL A 966 11.93 21.14 -8.98
C VAL A 966 12.41 20.61 -10.32
N LEU A 967 12.87 21.50 -11.21
CA LEU A 967 13.46 21.06 -12.47
C LEU A 967 14.65 20.15 -12.22
N PHE A 968 15.54 20.56 -11.31
CA PHE A 968 16.72 19.75 -11.02
C PHE A 968 16.33 18.41 -10.41
N THR A 969 15.30 18.38 -9.56
CA THR A 969 14.89 17.11 -8.97
C THR A 969 14.39 16.15 -10.05
N THR A 970 13.45 16.62 -10.88
CA THR A 970 12.88 15.73 -11.89
C THR A 970 13.92 15.36 -12.94
N LEU A 971 14.98 16.16 -13.06
CA LEU A 971 16.03 15.83 -14.01
C LEU A 971 17.02 14.83 -13.42
N MET A 972 17.35 15.00 -12.13
CA MET A 972 18.42 14.23 -11.52
C MET A 972 17.97 12.85 -11.11
N THR A 973 16.72 12.70 -10.64
CA THR A 973 16.29 11.40 -10.14
C THR A 973 16.44 10.28 -11.17
N PRO A 974 15.91 10.39 -12.40
CA PRO A 974 16.11 9.28 -13.34
C PRO A 974 17.56 9.07 -13.72
N LEU A 975 18.36 10.13 -13.83
CA LEU A 975 19.77 9.96 -14.16
C LEU A 975 20.54 9.28 -13.03
N THR A 976 20.26 9.66 -11.79
CA THR A 976 20.91 9.00 -10.66
C THR A 976 20.53 7.53 -10.60
N ASN A 977 19.26 7.21 -10.83
CA ASN A 977 18.85 5.82 -10.81
C ASN A 977 19.51 5.05 -11.95
N LYS A 978 19.60 5.68 -13.13
CA LYS A 978 20.34 5.09 -14.25
C LYS A 978 21.76 4.75 -13.84
N SER A 979 22.45 5.68 -13.18
CA SER A 979 23.81 5.43 -12.74
C SER A 979 23.86 4.27 -11.75
N LEU A 980 22.88 4.21 -10.85
CA LEU A 980 22.86 3.14 -9.86
C LEU A 980 22.71 1.77 -10.50
N ILE A 981 21.86 1.65 -11.52
CA ILE A 981 21.74 0.37 -12.21
C ILE A 981 23.00 0.07 -13.01
N ASP A 982 23.61 1.10 -13.61
CA ASP A 982 24.73 0.85 -14.52
C ASP A 982 26.01 0.50 -13.76
N THR A 983 26.17 1.01 -12.54
CA THR A 983 27.49 1.00 -11.91
C THR A 983 28.01 -0.43 -11.65
N SER A 984 27.34 -1.19 -10.79
CA SER A 984 27.94 -2.43 -10.32
C SER A 984 26.90 -3.35 -9.72
N HIS A 985 27.33 -4.59 -9.46
CA HIS A 985 26.54 -5.60 -8.77
C HIS A 985 27.31 -6.06 -7.53
N VAL A 986 26.61 -6.13 -6.40
CA VAL A 986 27.22 -6.46 -5.12
C VAL A 986 26.37 -7.52 -4.43
N PRO A 987 26.96 -8.46 -3.68
CA PRO A 987 26.15 -9.38 -2.87
C PRO A 987 25.23 -8.62 -1.92
N ALA A 988 23.93 -8.76 -2.13
CA ALA A 988 22.96 -7.96 -1.39
C ALA A 988 22.75 -8.56 0.00
N PRO A 989 22.92 -7.78 1.07
CA PRO A 989 22.57 -8.28 2.41
C PRO A 989 21.06 -8.48 2.53
N LYS A 990 20.68 -9.37 3.44
CA LYS A 990 19.28 -9.73 3.62
C LYS A 990 18.57 -8.89 4.67
N LYS A 991 19.25 -7.90 5.24
CA LYS A 991 18.63 -6.97 6.18
C LYS A 991 19.17 -5.58 5.94
N LEU A 992 18.29 -4.58 6.08
CA LEU A 992 18.65 -3.19 5.91
C LEU A 992 17.95 -2.36 6.96
N TYR A 993 18.68 -1.40 7.53
CA TYR A 993 18.14 -0.48 8.53
C TYR A 993 18.15 0.93 7.97
N ARG A 994 16.99 1.57 7.96
CA ARG A 994 16.83 2.92 7.45
C ARG A 994 16.39 3.83 8.58
N GLY A 995 17.10 4.94 8.75
CA GLY A 995 16.79 5.86 9.82
C GLY A 995 15.82 6.95 9.40
N LEU A 996 15.13 7.50 10.39
CA LEU A 996 14.18 8.59 10.18
C LEU A 996 14.01 9.34 11.49
N ASN A 997 13.59 10.59 11.40
CA ASN A 997 13.29 11.41 12.57
C ASN A 997 11.88 11.97 12.43
N LEU A 998 11.02 11.62 13.38
CA LEU A 998 9.62 11.99 13.33
C LEU A 998 9.14 12.49 14.69
N PRO A 999 8.24 13.46 14.73
CA PRO A 999 7.63 13.84 16.00
C PRO A 999 6.73 12.74 16.54
N GLN A 1000 6.48 12.80 17.84
CA GLN A 1000 5.73 11.73 18.50
C GLN A 1000 4.30 11.66 17.98
N GLU A 1001 3.72 12.79 17.58
CA GLU A 1001 2.34 12.81 17.10
C GLU A 1001 2.17 11.94 15.86
N PHE A 1002 3.11 12.04 14.92
CA PHE A 1002 3.08 11.16 13.75
C PHE A 1002 3.41 9.72 14.13
N THR A 1003 4.32 9.54 15.09
CA THR A 1003 4.76 8.20 15.47
C THR A 1003 3.61 7.39 16.05
N ASN A 1004 2.75 8.03 16.85
CA ASN A 1004 1.62 7.30 17.43
C ASN A 1004 0.67 6.78 16.35
N LYS A 1005 0.34 7.62 15.36
CA LYS A 1005 -0.52 7.17 14.28
C LYS A 1005 0.14 6.07 13.46
N LEU A 1006 1.45 6.19 13.23
CA LEU A 1006 2.17 5.13 12.51
C LEU A 1006 2.13 3.81 13.28
N ILE A 1007 2.33 3.87 14.59
CA ILE A 1007 2.28 2.67 15.42
C ILE A 1007 0.89 2.05 15.39
N ASN A 1008 -0.15 2.89 15.46
CA ASN A 1008 -1.51 2.36 15.41
C ASN A 1008 -1.82 1.70 14.07
N GLN A 1009 -1.38 2.32 12.98
CA GLN A 1009 -1.59 1.71 11.67
C GLN A 1009 -0.89 0.36 11.56
N SER A 1010 0.37 0.31 12.01
CA SER A 1010 1.10 -0.96 11.97
C SER A 1010 0.44 -2.01 12.86
N ASN A 1011 -0.03 -1.61 14.03
CA ASN A 1011 -0.70 -2.57 14.93
C ASN A 1011 -1.98 -3.11 14.29
N ALA A 1012 -2.76 -2.25 13.65
CA ALA A 1012 -3.96 -2.73 12.98
C ALA A 1012 -3.62 -3.70 11.85
N ILE A 1013 -2.61 -3.36 11.03
CA ILE A 1013 -2.24 -4.24 9.93
C ILE A 1013 -1.79 -5.59 10.47
N ILE A 1014 -0.97 -5.59 11.52
CA ILE A 1014 -0.50 -6.85 12.10
C ILE A 1014 -1.66 -7.65 12.69
N ALA A 1015 -2.59 -6.98 13.35
CA ALA A 1015 -3.66 -7.70 14.03
C ALA A 1015 -4.71 -8.23 13.06
N ASN A 1016 -4.77 -7.69 11.85
CA ASN A 1016 -5.80 -8.17 10.93
C ASN A 1016 -5.32 -9.32 10.04
N THR A 1017 -4.02 -9.45 9.80
CA THR A 1017 -3.51 -10.55 8.98
C THR A 1017 -3.48 -11.83 9.79
N GLU A 1018 -4.08 -12.89 9.26
CA GLU A 1018 -4.19 -14.16 9.98
C GLU A 1018 -4.11 -15.30 8.98
N ASN A 1019 -3.38 -16.35 9.33
CA ASN A 1019 -3.24 -17.53 8.46
C ASN A 1019 -4.22 -18.62 8.91
N THR A 1020 -5.48 -18.41 8.56
CA THR A 1020 -6.53 -19.33 8.96
C THR A 1020 -6.42 -20.65 8.22
N LEU A 1021 -6.99 -21.69 8.84
CA LEU A 1021 -6.96 -23.05 8.29
C LEU A 1021 -8.23 -23.38 7.51
N PHE A 1022 -9.39 -23.34 8.19
CA PHE A 1022 -10.63 -23.78 7.57
C PHE A 1022 -11.08 -22.83 6.46
N THR A 1023 -11.13 -21.53 6.74
CA THR A 1023 -11.66 -20.55 5.80
C THR A 1023 -10.58 -19.56 5.40
N ASP A 1024 -10.92 -18.70 4.46
CA ASP A 1024 -9.99 -17.71 3.94
C ASP A 1024 -10.44 -16.30 4.33
N LEU A 1025 -9.58 -15.60 5.07
CA LEU A 1025 -9.79 -14.19 5.39
C LEU A 1025 -8.91 -13.28 4.57
N SER A 1026 -8.50 -13.71 3.38
CA SER A 1026 -7.64 -12.90 2.53
C SER A 1026 -8.29 -11.57 2.16
N ALA A 1027 -9.62 -11.57 2.02
CA ALA A 1027 -10.32 -10.34 1.68
C ALA A 1027 -10.15 -9.27 2.75
N GLU A 1028 -10.23 -9.66 4.03
CA GLU A 1028 -10.05 -8.69 5.11
C GLU A 1028 -8.63 -8.14 5.15
N ALA A 1029 -7.63 -8.99 4.92
CA ALA A 1029 -6.25 -8.52 4.92
C ALA A 1029 -6.02 -7.50 3.81
N PHE A 1030 -6.56 -7.77 2.62
CA PHE A 1030 -6.41 -6.84 1.51
C PHE A 1030 -7.10 -5.52 1.81
N LYS A 1031 -8.28 -5.57 2.43
CA LYS A 1031 -8.98 -4.34 2.79
C LYS A 1031 -8.18 -3.53 3.81
N GLN A 1032 -7.61 -4.21 4.82
CA GLN A 1032 -6.94 -3.49 5.89
C GLN A 1032 -5.58 -2.95 5.47
N ILE A 1033 -4.88 -3.67 4.59
CA ILE A 1033 -3.56 -3.19 4.17
C ILE A 1033 -3.68 -1.92 3.34
N LYS A 1034 -4.55 -1.95 2.32
CA LYS A 1034 -4.65 -0.81 1.41
C LYS A 1034 -5.13 0.44 2.13
N LEU A 1035 -6.05 0.28 3.09
CA LEU A 1035 -6.62 1.44 3.75
C LEU A 1035 -5.65 2.05 4.76
N ASN A 1036 -4.71 1.27 5.29
CA ASN A 1036 -3.87 1.73 6.38
C ASN A 1036 -2.37 1.68 6.08
N ASP A 1037 -1.96 1.22 4.90
CA ASP A 1037 -0.54 1.10 4.61
C ASP A 1037 0.13 2.48 4.56
N PHE A 1038 1.38 2.53 5.01
CA PHE A 1038 2.17 3.76 5.03
C PHE A 1038 3.38 3.72 4.12
N SER A 1039 3.49 2.71 3.25
CA SER A 1039 4.68 2.52 2.43
C SER A 1039 4.89 3.64 1.41
N GLN A 1040 3.89 4.48 1.16
CA GLN A 1040 4.12 5.64 0.30
C GLN A 1040 5.09 6.62 0.96
N MET A 1041 5.21 6.57 2.28
CA MET A 1041 6.18 7.40 2.99
C MET A 1041 7.60 6.89 2.78
N SER A 1042 7.77 5.59 2.47
CA SER A 1042 9.10 5.05 2.21
C SER A 1042 9.75 5.71 1.01
N GLY A 1043 8.96 6.35 0.15
CA GLY A 1043 9.51 7.19 -0.90
C GLY A 1043 9.70 6.46 -2.21
N LYS A 1044 9.95 7.27 -3.24
CA LYS A 1044 10.23 6.81 -4.59
C LYS A 1044 11.54 7.40 -5.08
N THR A 1045 12.56 7.37 -4.23
CA THR A 1045 13.85 7.97 -4.54
C THR A 1045 14.96 7.06 -4.02
N CYS A 1046 16.19 7.53 -4.18
CA CYS A 1046 17.36 6.82 -3.64
C CYS A 1046 17.39 6.95 -2.12
N ALA A 1047 17.01 5.89 -1.43
CA ALA A 1047 16.97 5.87 0.03
C ALA A 1047 18.28 5.28 0.56
N SER A 1048 18.91 5.99 1.49
CA SER A 1048 20.18 5.56 2.06
C SER A 1048 19.93 4.64 3.25
N THR A 1049 20.50 3.44 3.19
CA THR A 1049 20.32 2.45 4.25
C THR A 1049 21.69 1.92 4.66
N THR A 1050 21.70 1.10 5.71
CA THR A 1050 22.92 0.51 6.22
C THR A 1050 22.61 -0.83 6.88
N LYS A 1051 23.64 -1.69 6.95
CA LYS A 1051 23.50 -2.96 7.66
C LYS A 1051 23.55 -2.79 9.17
N ASN A 1052 24.21 -1.75 9.65
CA ASN A 1052 24.63 -1.65 11.05
C ASN A 1052 23.70 -0.72 11.81
N MET A 1053 22.99 -1.28 12.79
CA MET A 1053 22.14 -0.46 13.65
C MET A 1053 22.97 0.43 14.55
N LYS A 1054 24.20 0.03 14.86
CA LYS A 1054 25.03 0.78 15.78
C LYS A 1054 25.34 2.18 15.26
N LEU A 1055 25.61 2.30 13.95
CA LEU A 1055 25.86 3.63 13.39
C LEU A 1055 24.63 4.52 13.53
N LEU A 1056 23.44 3.98 13.29
CA LEU A 1056 22.23 4.77 13.42
C LEU A 1056 22.01 5.21 14.86
N THR A 1057 22.20 4.30 15.82
CA THR A 1057 21.91 4.64 17.21
C THR A 1057 22.99 5.53 17.82
N ASP A 1058 24.19 5.52 17.25
CA ASP A 1058 25.26 6.33 17.81
C ASP A 1058 25.38 7.68 17.11
N ILE A 1059 25.60 7.67 15.80
CA ILE A 1059 25.82 8.91 15.06
C ILE A 1059 24.54 9.74 15.01
N TRP A 1060 23.48 9.18 14.41
CA TRP A 1060 22.24 9.92 14.24
C TRP A 1060 21.38 9.93 15.51
N GLY A 1061 21.26 8.79 16.19
CA GLY A 1061 20.36 8.71 17.33
C GLY A 1061 18.91 8.91 16.95
N SER A 1062 18.50 8.43 15.78
CA SER A 1062 17.13 8.61 15.33
C SER A 1062 16.17 7.77 16.17
N ASN A 1063 14.96 8.29 16.35
CA ASN A 1063 13.96 7.65 17.19
C ASN A 1063 13.03 6.73 16.42
N VAL A 1064 13.11 6.69 15.10
CA VAL A 1064 12.32 5.78 14.29
C VAL A 1064 13.25 5.05 13.34
N ILE A 1065 13.13 3.72 13.32
CA ILE A 1065 14.01 2.88 12.52
C ILE A 1065 13.17 1.85 11.78
N PHE A 1066 13.39 1.77 10.47
CA PHE A 1066 12.75 0.76 9.65
C PHE A 1066 13.74 -0.35 9.33
N GLU A 1067 13.30 -1.59 9.51
CA GLU A 1067 14.07 -2.77 9.13
C GLU A 1067 13.35 -3.47 7.98
N MET A 1068 14.01 -3.59 6.84
CA MET A 1068 13.43 -4.19 5.66
C MET A 1068 13.99 -5.59 5.45
N LEU A 1069 13.10 -6.54 5.20
CA LEU A 1069 13.49 -7.91 4.89
C LEU A 1069 13.21 -8.19 3.42
N ASP A 1070 14.11 -8.91 2.77
CA ASP A 1070 13.94 -9.22 1.36
C ASP A 1070 14.12 -10.72 1.12
N PRO A 1071 13.19 -11.56 1.58
CA PRO A 1071 13.32 -13.00 1.30
C PRO A 1071 13.31 -13.34 -0.18
N ASP A 1072 12.54 -12.59 -0.98
CA ASP A 1072 12.48 -12.84 -2.41
C ASP A 1072 13.57 -12.13 -3.19
N GLY A 1073 14.36 -11.27 -2.54
CA GLY A 1073 15.31 -10.45 -3.27
C GLY A 1073 14.66 -9.42 -4.15
N LEU A 1074 13.44 -9.01 -3.82
CA LEU A 1074 12.73 -8.02 -4.63
C LEU A 1074 13.46 -6.69 -4.67
N LEU A 1075 13.97 -6.24 -3.53
CA LEU A 1075 14.83 -5.07 -3.52
C LEU A 1075 16.17 -5.41 -4.16
N HIS A 1076 16.80 -4.41 -4.77
CA HIS A 1076 18.10 -4.56 -5.40
C HIS A 1076 19.03 -3.46 -4.89
N PRO A 1077 19.43 -3.53 -3.62
CA PRO A 1077 20.35 -2.52 -3.08
C PRO A 1077 21.69 -2.57 -3.78
N LYS A 1078 22.30 -1.40 -3.93
CA LYS A 1078 23.57 -1.24 -4.60
C LYS A 1078 24.55 -0.53 -3.70
N GLN A 1079 25.80 -0.99 -3.69
CA GLN A 1079 26.84 -0.30 -2.95
C GLN A 1079 27.06 1.08 -3.54
N VAL A 1080 27.54 2.01 -2.71
CA VAL A 1080 27.61 3.41 -3.11
C VAL A 1080 28.87 3.67 -3.93
N GLY A 1081 28.78 3.45 -5.23
CA GLY A 1081 29.79 3.83 -6.19
C GLY A 1081 31.23 3.54 -5.81
N THR A 1082 32.01 4.60 -5.64
CA THR A 1082 33.43 4.50 -5.34
C THR A 1082 33.65 4.07 -3.90
N HIS A 1083 33.87 2.78 -3.68
CA HIS A 1083 34.12 2.26 -2.34
C HIS A 1083 35.47 2.69 -1.80
N MET A 1084 36.31 3.28 -2.66
CA MET A 1084 37.61 3.77 -2.25
C MET A 1084 37.46 4.84 -1.16
N ALA A 1085 36.38 5.61 -1.25
CA ALA A 1085 36.09 6.62 -0.22
C ALA A 1085 34.78 6.28 0.48
N GLY A 1086 33.84 5.69 -0.25
CA GLY A 1086 32.57 5.32 0.35
C GLY A 1086 32.74 4.19 1.34
N SER A 1087 32.13 4.34 2.52
CA SER A 1087 32.24 3.33 3.55
C SER A 1087 31.43 2.09 3.20
N GLU A 1088 31.74 0.99 3.89
CA GLU A 1088 31.07 -0.28 3.61
C GLU A 1088 29.57 -0.22 3.89
N ASP A 1089 29.18 0.42 4.99
CA ASP A 1089 27.79 0.39 5.43
C ASP A 1089 26.98 1.55 4.88
N GLU A 1090 26.93 1.70 3.56
CA GLU A 1090 26.11 2.71 2.91
C GLU A 1090 25.54 2.13 1.62
N PHE A 1091 24.22 1.95 1.60
CA PHE A 1091 23.54 1.36 0.45
C PHE A 1091 22.39 2.24 -0.01
N SER A 1092 22.05 2.14 -1.29
CA SER A 1092 20.92 2.85 -1.87
C SER A 1092 19.91 1.85 -2.39
N VAL A 1093 18.63 2.13 -2.16
CA VAL A 1093 17.55 1.23 -2.54
C VAL A 1093 16.47 2.04 -3.26
N TYR A 1094 15.96 1.50 -4.35
CA TYR A 1094 14.88 2.11 -5.11
C TYR A 1094 13.70 1.16 -5.15
N LEU A 1095 12.57 1.59 -4.59
CA LEU A 1095 11.38 0.76 -4.55
C LEU A 1095 10.57 0.90 -5.83
N PRO A 1096 10.33 -0.18 -6.58
CA PRO A 1096 9.39 -0.10 -7.70
C PRO A 1096 7.97 0.11 -7.19
N GLU A 1097 7.07 0.44 -8.13
CA GLU A 1097 5.69 0.74 -7.76
C GLU A 1097 4.94 -0.52 -7.36
N ASP A 1098 5.24 -1.65 -7.99
CA ASP A 1098 4.52 -2.90 -7.74
C ASP A 1098 5.10 -3.66 -6.54
N VAL A 1099 6.03 -3.05 -5.81
CA VAL A 1099 6.56 -3.60 -4.57
C VAL A 1099 6.19 -2.66 -3.45
N ALA A 1100 5.50 -3.19 -2.44
CA ALA A 1100 5.06 -2.42 -1.30
C ALA A 1100 5.54 -3.08 -0.02
N LEU A 1101 5.78 -2.26 1.01
CA LEU A 1101 6.27 -2.73 2.29
C LEU A 1101 5.12 -2.80 3.28
N VAL A 1102 5.04 -3.90 4.02
CA VAL A 1102 4.00 -4.08 5.04
C VAL A 1102 4.65 -4.45 6.35
N PRO A 1103 4.07 -3.98 7.45
CA PRO A 1103 4.69 -4.23 8.76
C PRO A 1103 4.27 -5.55 9.38
N THR A 1104 5.20 -6.19 10.11
CA THR A 1104 4.88 -7.42 10.82
C THR A 1104 5.32 -7.40 12.27
N LYS A 1105 6.14 -6.43 12.69
CA LYS A 1105 6.61 -6.38 14.06
C LYS A 1105 6.75 -4.92 14.49
N VAL A 1106 6.38 -4.64 15.73
CA VAL A 1106 6.58 -3.33 16.31
C VAL A 1106 7.21 -3.50 17.69
N THR A 1107 8.48 -3.14 17.82
CA THR A 1107 9.23 -3.36 19.05
C THR A 1107 9.71 -2.04 19.64
N LEU A 1108 9.44 -1.85 20.93
CA LEU A 1108 10.00 -0.74 21.69
C LEU A 1108 11.36 -1.20 22.23
N GLU A 1109 12.43 -0.67 21.64
CA GLU A 1109 13.77 -1.17 21.92
C GLU A 1109 14.50 -0.39 23.00
N GLY A 1110 14.39 0.94 23.01
CA GLY A 1110 15.11 1.72 24.00
C GLY A 1110 14.79 3.19 23.87
N LYS A 1111 15.53 3.99 24.62
CA LYS A 1111 15.35 5.42 24.66
C LYS A 1111 16.53 6.13 24.01
N THR A 1112 16.24 7.21 23.29
CA THR A 1112 17.29 8.02 22.71
C THR A 1112 17.97 8.84 23.80
N ASP A 1113 19.06 9.51 23.42
CA ASP A 1113 19.79 10.35 24.37
C ASP A 1113 18.95 11.53 24.83
N THR A 1114 17.88 11.87 24.11
CA THR A 1114 16.94 12.90 24.56
C THR A 1114 15.81 12.33 25.41
N GLY A 1115 15.82 11.03 25.69
CA GLY A 1115 14.79 10.41 26.48
C GLY A 1115 13.57 9.97 25.71
N GLU A 1116 13.56 10.13 24.39
CA GLU A 1116 12.43 9.73 23.58
C GLU A 1116 12.48 8.24 23.28
N ASP A 1117 11.32 7.58 23.36
CA ASP A 1117 11.24 6.15 23.04
C ASP A 1117 11.62 5.91 21.59
N ARG A 1118 12.44 4.89 21.36
CA ARG A 1118 12.90 4.52 20.03
C ARG A 1118 12.21 3.23 19.62
N TYR A 1119 11.53 3.25 18.48
CA TYR A 1119 10.79 2.11 17.98
C TYR A 1119 11.49 1.52 16.75
N ILE A 1120 11.40 0.20 16.62
CA ILE A 1120 12.01 -0.52 15.51
C ILE A 1120 10.94 -1.34 14.82
N PHE A 1121 10.58 -0.96 13.61
CA PHE A 1121 9.60 -1.69 12.83
C PHE A 1121 10.30 -2.78 12.02
N THR A 1122 9.49 -3.69 11.48
CA THR A 1122 9.96 -4.70 10.55
C THR A 1122 9.02 -4.76 9.36
N LEU A 1123 9.58 -4.73 8.15
CA LEU A 1123 8.79 -4.69 6.94
C LEU A 1123 9.18 -5.84 6.03
N VAL A 1124 8.18 -6.48 5.43
CA VAL A 1124 8.38 -7.55 4.47
C VAL A 1124 7.96 -7.05 3.10
N ALA A 1125 8.87 -7.17 2.13
CA ALA A 1125 8.63 -6.67 0.78
C ALA A 1125 7.83 -7.69 0.00
N VAL A 1126 6.69 -7.26 -0.54
CA VAL A 1126 5.80 -8.11 -1.32
C VAL A 1126 5.60 -7.47 -2.69
N LYS A 1127 5.68 -8.29 -3.73
CA LYS A 1127 5.46 -7.84 -5.10
C LYS A 1127 4.17 -8.44 -5.62
N SER A 1128 3.31 -7.61 -6.19
CA SER A 1128 2.04 -8.06 -6.72
C SER A 1128 1.55 -7.04 -7.74
N PRO A 1129 0.93 -7.48 -8.83
CA PRO A 1129 0.38 -6.53 -9.80
C PRO A 1129 -0.70 -5.63 -9.22
N ASP A 1130 -1.25 -6.00 -8.06
CA ASP A 1130 -2.31 -5.21 -7.45
C ASP A 1130 -1.83 -3.81 -7.06
N PHE A 1131 -0.53 -3.67 -6.79
CA PHE A 1131 -0.03 -2.38 -6.29
C PHE A 1131 0.31 -1.40 -7.40
N ILE A 1132 0.12 -1.76 -8.66
CA ILE A 1132 0.39 -0.84 -9.75
C ILE A 1132 -0.68 0.26 -9.72
N PRO A 1133 -0.30 1.52 -9.56
CA PRO A 1133 -1.31 2.58 -9.51
C PRO A 1133 -1.94 2.82 -10.86
N ARG A 1134 -3.18 3.32 -10.83
CA ARG A 1134 -3.86 3.70 -12.07
C ARG A 1134 -3.15 4.90 -12.69
N HIS A 1135 -3.14 4.92 -14.02
CA HIS A 1135 -2.34 5.90 -14.76
C HIS A 1135 -3.24 6.77 -15.62
N GLU A 1136 -3.02 8.08 -15.56
CA GLU A 1136 -3.70 9.04 -16.43
C GLU A 1136 -2.91 9.19 -17.74
N SER A 1137 -3.02 8.15 -18.57
CA SER A 1137 -2.24 8.06 -19.79
C SER A 1137 -2.57 9.21 -20.73
N GLY A 1138 -1.56 9.63 -21.51
CA GLY A 1138 -1.72 10.71 -22.45
C GLY A 1138 -1.45 12.09 -21.89
N TYR A 1139 -1.09 12.21 -20.62
CA TYR A 1139 -0.87 13.52 -20.02
C TYR A 1139 0.39 14.18 -20.58
N ALA A 1140 1.39 13.38 -20.92
CA ALA A 1140 2.65 13.90 -21.45
C ALA A 1140 2.79 13.68 -22.96
N VAL A 1141 1.92 12.87 -23.56
CA VAL A 1141 1.97 12.67 -25.00
C VAL A 1141 1.55 13.93 -25.73
N GLU A 1142 0.61 14.68 -25.16
CA GLU A 1142 0.07 15.87 -25.81
C GLU A 1142 1.12 16.93 -26.12
N PRO A 1143 1.97 17.38 -25.18
CA PRO A 1143 3.00 18.35 -25.56
C PRO A 1143 3.99 17.82 -26.59
N PHE A 1144 4.32 16.53 -26.53
CA PHE A 1144 5.23 15.94 -27.51
C PHE A 1144 4.62 16.00 -28.90
N MET A 1145 3.34 15.63 -29.01
CA MET A 1145 2.63 15.77 -30.27
C MET A 1145 2.59 17.21 -30.73
N LYS A 1146 2.46 18.15 -29.78
CA LYS A 1146 2.48 19.56 -30.14
C LYS A 1146 3.81 19.97 -30.75
N MET A 1147 4.92 19.50 -30.18
CA MET A 1147 6.23 19.81 -30.76
C MET A 1147 6.38 19.21 -32.15
N GLN A 1148 5.92 17.98 -32.34
CA GLN A 1148 5.99 17.37 -33.67
C GLN A 1148 5.17 18.17 -34.67
N LYS A 1149 3.97 18.59 -34.27
CA LYS A 1149 3.13 19.41 -35.14
C LYS A 1149 3.80 20.74 -35.45
N GLU A 1150 4.47 21.34 -34.47
CA GLU A 1150 5.16 22.60 -34.69
C GLU A 1150 6.29 22.42 -35.71
N LYS A 1151 7.05 21.33 -35.59
CA LYS A 1151 8.12 21.09 -36.55
C LYS A 1151 7.57 20.87 -37.96
N VAL A 1152 6.48 20.11 -38.08
CA VAL A 1152 5.87 19.88 -39.39
C VAL A 1152 5.35 21.20 -39.96
N THR A 1153 4.78 22.05 -39.11
CA THR A 1153 4.28 23.33 -39.57
C THR A 1153 5.40 24.25 -40.01
N GLN A 1154 6.56 24.19 -39.34
CA GLN A 1154 7.70 24.97 -39.80
C GLN A 1154 8.23 24.45 -41.13
N ALA A 1155 8.19 23.14 -41.34
CA ALA A 1155 8.52 22.59 -42.65
C ALA A 1155 7.56 23.13 -43.71
N LEU A 1156 6.26 23.17 -43.38
CA LEU A 1156 5.29 23.74 -44.31
C LEU A 1156 5.55 25.22 -44.55
N ASP A 1157 6.03 25.93 -43.52
CA ASP A 1157 6.43 27.32 -43.66
C ASP A 1157 7.53 27.48 -44.71
N ALA A 1158 8.59 26.68 -44.57
CA ALA A 1158 9.66 26.73 -45.56
C ALA A 1158 9.14 26.34 -46.95
N ILE A 1159 8.17 25.41 -47.00
CA ILE A 1159 7.64 24.97 -48.28
C ILE A 1159 6.86 26.08 -48.98
N GLU A 1160 6.04 26.83 -48.23
CA GLU A 1160 5.31 27.89 -48.93
C GLU A 1160 6.22 29.07 -49.21
N LYS A 1161 7.33 29.21 -48.46
CA LYS A 1161 8.36 30.14 -48.88
C LYS A 1161 8.91 29.76 -50.24
N ASP A 1162 9.21 28.47 -50.44
CA ASP A 1162 9.66 28.03 -51.77
C ASP A 1162 8.56 28.18 -52.82
N LYS A 1163 7.30 28.07 -52.41
CA LYS A 1163 6.21 28.39 -53.32
C LYS A 1163 6.28 29.85 -53.77
N ASP A 1164 6.51 30.76 -52.82
CA ASP A 1164 6.68 32.16 -53.16
C ASP A 1164 7.95 32.39 -53.99
N SER A 1165 8.91 31.46 -53.93
CA SER A 1165 10.15 31.64 -54.68
C SER A 1165 9.93 31.70 -56.18
N TYR A 1166 9.07 30.83 -56.72
CA TYR A 1166 8.86 30.72 -58.16
C TYR A 1166 7.42 31.07 -58.52
N ASN A 1167 7.26 31.89 -59.56
CA ASN A 1167 5.96 32.12 -60.19
C ASN A 1167 5.94 31.31 -61.49
N ILE A 1168 5.59 30.03 -61.36
CA ILE A 1168 5.67 29.10 -62.47
C ILE A 1168 4.66 29.46 -63.56
N ASP A 1169 3.47 29.92 -63.16
CA ASP A 1169 2.43 30.23 -64.15
C ASP A 1169 2.87 31.37 -65.07
N GLU A 1170 3.44 32.43 -64.50
CA GLU A 1170 3.87 33.56 -65.32
C GLU A 1170 5.01 33.16 -66.24
N GLN A 1171 5.96 32.37 -65.75
CA GLN A 1171 7.07 31.93 -66.59
C GLN A 1171 6.59 31.06 -67.74
N LEU A 1172 5.68 30.12 -67.46
CA LEU A 1172 5.13 29.27 -68.51
C LEU A 1172 4.37 30.09 -69.54
N LYS A 1173 3.57 31.05 -69.07
CA LYS A 1173 2.83 31.91 -69.99
C LYS A 1173 3.77 32.74 -70.84
N SER A 1174 4.85 33.26 -70.25
CA SER A 1174 5.82 34.05 -71.00
C SER A 1174 6.52 33.21 -72.07
N LEU A 1175 6.91 31.98 -71.72
CA LEU A 1175 7.54 31.12 -72.72
C LEU A 1175 6.57 30.74 -73.82
N ARG A 1176 5.31 30.49 -73.46
CA ARG A 1176 4.29 30.20 -74.48
C ARG A 1176 4.11 31.38 -75.41
N THR A 1177 4.06 32.59 -74.87
CA THR A 1177 3.93 33.78 -75.70
C THR A 1177 5.15 33.94 -76.60
N GLU A 1178 6.34 33.69 -76.07
CA GLU A 1178 7.56 33.79 -76.87
C GLU A 1178 7.56 32.81 -78.03
N MET A 1179 7.15 31.56 -77.77
CA MET A 1179 7.17 30.57 -78.86
C MET A 1179 6.03 30.81 -79.84
N VAL A 1180 4.91 31.36 -79.38
CA VAL A 1180 3.85 31.79 -80.30
C VAL A 1180 4.36 32.89 -81.22
N ARG A 1181 5.10 33.84 -80.66
CA ARG A 1181 5.71 34.89 -81.47
C ARG A 1181 6.70 34.28 -82.46
N GLN A 1182 7.48 33.30 -82.02
CA GLN A 1182 8.41 32.61 -82.91
C GLN A 1182 7.68 31.95 -84.07
N ALA A 1183 6.55 31.30 -83.79
CA ALA A 1183 5.74 30.71 -84.85
C ALA A 1183 5.13 31.78 -85.75
N LYS A 1184 4.91 32.99 -85.22
CA LYS A 1184 4.30 34.05 -86.02
C LYS A 1184 5.33 34.77 -86.89
N LEU A 1185 6.61 34.43 -86.76
CA LEU A 1185 7.67 35.12 -87.48
C LEU A 1185 7.58 34.87 -88.98
N PRO A 1186 8.09 35.80 -89.80
CA PRO A 1186 8.13 35.55 -91.25
C PRO A 1186 8.99 34.35 -91.59
N LEU A 1187 8.64 33.69 -92.69
CA LEU A 1187 9.32 32.47 -93.09
C LEU A 1187 10.77 32.74 -93.46
N ARG A 1188 11.67 31.88 -93.00
CA ARG A 1188 13.09 31.95 -93.36
C ARG A 1188 13.35 30.92 -94.46
N GLU A 1189 13.20 31.37 -95.70
CA GLU A 1189 13.20 30.47 -96.85
C GLU A 1189 14.58 30.27 -97.46
N GLY A 1190 15.61 30.96 -96.96
CA GLY A 1190 16.94 30.76 -97.51
C GLY A 1190 17.46 29.36 -97.24
N VAL A 1191 17.98 28.72 -98.29
CA VAL A 1191 18.48 27.35 -98.16
C VAL A 1191 19.64 27.29 -97.18
N PHE A 1192 20.63 28.17 -97.37
CA PHE A 1192 21.71 28.27 -96.39
C PHE A 1192 21.18 28.77 -95.05
N ASP A 1193 20.17 29.64 -95.07
CA ASP A 1193 19.55 30.09 -93.84
C ASP A 1193 18.90 28.93 -93.09
N ARG A 1194 18.18 28.06 -93.82
CA ARG A 1194 17.59 26.88 -93.20
C ARG A 1194 18.67 25.95 -92.64
N LEU A 1195 19.75 25.75 -93.41
CA LEU A 1195 20.81 24.86 -92.97
C LEU A 1195 21.46 25.38 -91.69
N SER A 1196 21.75 26.68 -91.63
CA SER A 1196 22.35 27.25 -90.42
C SER A 1196 21.35 27.25 -89.26
N HIS A 1197 20.07 27.44 -89.57
CA HIS A 1197 19.04 27.43 -88.53
C HIS A 1197 18.94 26.05 -87.88
N ARG A 1198 18.95 25.00 -88.69
CA ARG A 1198 18.83 23.65 -88.14
C ARG A 1198 20.13 23.18 -87.49
N LEU A 1199 21.28 23.47 -88.12
CA LEU A 1199 22.51 22.84 -87.69
C LEU A 1199 23.30 23.69 -86.71
N SER A 1200 23.39 24.99 -86.94
CA SER A 1200 24.28 25.86 -86.16
C SER A 1200 23.48 26.62 -85.12
N LEU A 1201 24.19 27.18 -84.14
CA LEU A 1201 23.59 27.92 -83.05
C LEU A 1201 23.21 29.33 -83.48
N GLU A 1202 22.18 29.44 -84.32
CA GLU A 1202 21.73 30.75 -84.80
C GLU A 1202 20.94 31.48 -83.73
N THR A 1203 21.58 32.41 -83.02
CA THR A 1203 20.89 33.22 -82.02
C THR A 1203 20.27 34.44 -82.67
N SER A 1204 19.48 34.23 -83.73
CA SER A 1204 18.84 35.33 -84.44
C SER A 1204 17.45 34.98 -84.93
N ASP A 1205 16.70 34.15 -84.21
CA ASP A 1205 15.39 33.69 -84.68
C ASP A 1205 14.35 34.80 -84.54
N ASN A 1206 14.54 35.83 -85.36
CA ASN A 1206 13.47 36.77 -85.69
C ASN A 1206 12.75 36.37 -86.97
N LYS A 1207 13.28 35.37 -87.67
CA LYS A 1207 12.62 34.72 -88.78
C LYS A 1207 12.75 33.21 -88.58
N ILE A 1208 11.68 32.48 -88.87
CA ILE A 1208 11.61 31.06 -88.59
C ILE A 1208 11.50 30.30 -89.90
N SER A 1209 12.29 29.23 -90.03
CA SER A 1209 12.21 28.39 -91.21
C SER A 1209 10.91 27.59 -91.18
N PRO A 1210 10.40 27.17 -92.35
CA PRO A 1210 9.18 26.33 -92.36
C PRO A 1210 9.33 25.04 -91.58
N GLU A 1211 10.52 24.45 -91.55
CA GLU A 1211 10.72 23.20 -90.81
C GLU A 1211 10.52 23.42 -89.32
N ARG A 1212 11.19 24.43 -88.76
CA ARG A 1212 11.02 24.69 -87.33
C ARG A 1212 9.64 25.25 -87.02
N ARG A 1213 9.03 25.98 -87.97
CA ARG A 1213 7.66 26.43 -87.76
C ARG A 1213 6.71 25.25 -87.64
N ASP A 1214 6.85 24.26 -88.52
CA ASP A 1214 6.03 23.06 -88.43
C ASP A 1214 6.32 22.29 -87.14
N PHE A 1215 7.60 22.19 -86.77
CA PHE A 1215 7.96 21.58 -85.50
C PHE A 1215 7.24 22.24 -84.34
N LEU A 1216 7.33 23.57 -84.25
CA LEU A 1216 6.67 24.30 -83.17
C LEU A 1216 5.17 24.05 -83.19
N ASN A 1217 4.54 24.24 -84.35
CA ASN A 1217 3.08 24.15 -84.43
C ASN A 1217 2.59 22.76 -84.06
N GLN A 1218 3.31 21.72 -84.50
CA GLN A 1218 2.84 20.36 -84.28
C GLN A 1218 3.10 19.90 -82.85
N HIS A 1219 4.23 20.29 -82.26
CA HIS A 1219 4.59 19.72 -80.96
C HIS A 1219 4.46 20.72 -79.83
N VAL A 1220 5.11 21.88 -79.95
CA VAL A 1220 5.26 22.78 -78.82
C VAL A 1220 3.96 23.50 -78.52
N ILE A 1221 3.23 23.89 -79.56
CA ILE A 1221 1.94 24.58 -79.37
C ILE A 1221 1.00 23.67 -78.58
N PRO A 1222 0.77 22.41 -78.97
CA PRO A 1222 -0.06 21.55 -78.12
C PRO A 1222 0.50 21.35 -76.73
N VAL A 1223 1.82 21.14 -76.61
CA VAL A 1223 2.41 20.83 -75.31
C VAL A 1223 2.25 22.00 -74.36
N LEU A 1224 2.63 23.20 -74.80
CA LEU A 1224 2.56 24.36 -73.90
C LEU A 1224 1.12 24.81 -73.67
N GLN A 1225 0.27 24.71 -74.68
CA GLN A 1225 -1.15 25.04 -74.48
C GLN A 1225 -1.77 24.11 -73.46
N GLU A 1226 -1.49 22.82 -73.56
CA GLU A 1226 -2.01 21.85 -72.60
C GLU A 1226 -1.44 22.09 -71.21
N CYS A 1227 -0.15 22.41 -71.11
CA CYS A 1227 0.45 22.69 -69.81
C CYS A 1227 -0.20 23.91 -69.17
N HIS A 1228 -0.44 24.96 -69.96
CA HIS A 1228 -1.09 26.16 -69.43
C HIS A 1228 -2.52 25.86 -68.97
N ILE A 1229 -3.26 25.08 -69.78
CA ILE A 1229 -4.63 24.72 -69.41
C ILE A 1229 -4.62 23.92 -68.11
N ALA A 1230 -3.69 22.98 -67.98
CA ALA A 1230 -3.59 22.19 -66.76
C ALA A 1230 -3.24 23.07 -65.57
N LEU A 1231 -2.32 24.02 -65.77
CA LEU A 1231 -1.88 24.86 -64.65
C LEU A 1231 -2.99 25.80 -64.20
N ARG A 1232 -3.90 26.15 -65.11
CA ARG A 1232 -5.11 26.84 -64.67
C ARG A 1232 -6.02 25.90 -63.88
N ALA A 1233 -6.13 24.64 -64.31
CA ALA A 1233 -7.04 23.69 -63.69
C ALA A 1233 -6.37 22.83 -62.62
N ASN A 1234 -5.04 22.89 -62.49
CA ASN A 1234 -4.29 22.08 -61.51
C ASN A 1234 -4.55 20.58 -61.70
N ASP A 1235 -4.76 20.15 -62.94
CA ASP A 1235 -4.90 18.73 -63.26
C ASP A 1235 -3.49 18.18 -63.44
N MET A 1236 -3.10 17.29 -62.52
CA MET A 1236 -1.67 17.02 -62.33
C MET A 1236 -1.23 15.78 -63.10
N ASP A 1237 -2.05 14.73 -63.11
CA ASP A 1237 -1.81 13.63 -64.05
C ASP A 1237 -1.81 14.14 -65.48
N MET A 1238 -2.62 15.17 -65.75
CA MET A 1238 -2.60 15.80 -67.06
C MET A 1238 -1.27 16.52 -67.29
N MET A 1239 -0.69 17.10 -66.22
CA MET A 1239 0.69 17.59 -66.31
C MET A 1239 1.64 16.48 -66.74
N GLN A 1240 1.51 15.31 -66.13
CA GLN A 1240 2.40 14.20 -66.48
C GLN A 1240 2.20 13.78 -67.93
N LYS A 1241 0.95 13.74 -68.40
CA LYS A 1241 0.69 13.42 -69.80
C LYS A 1241 1.31 14.44 -70.73
N ALA A 1242 1.19 15.73 -70.40
CA ALA A 1242 1.79 16.76 -71.24
C ALA A 1242 3.31 16.65 -71.26
N LEU A 1243 3.92 16.38 -70.11
CA LEU A 1243 5.37 16.19 -70.06
C LEU A 1243 5.78 14.92 -70.80
N ALA A 1244 4.87 13.96 -70.94
CA ALA A 1244 5.12 12.84 -71.84
C ALA A 1244 5.03 13.28 -73.29
N LYS A 1245 4.17 14.26 -73.60
CA LYS A 1245 4.08 14.77 -74.97
C LYS A 1245 5.22 15.73 -75.28
N PHE A 1246 6.03 16.09 -74.28
CA PHE A 1246 7.12 17.06 -74.38
C PHE A 1246 8.03 16.75 -75.57
N PRO A 1247 8.47 17.78 -76.30
CA PRO A 1247 9.32 17.55 -77.47
C PRO A 1247 10.63 16.89 -77.08
N THR A 1248 10.94 15.77 -77.74
CA THR A 1248 12.12 15.00 -77.40
C THR A 1248 13.40 15.76 -77.71
N ASP A 1249 14.47 15.40 -77.01
CA ASP A 1249 15.76 16.06 -77.22
C ASP A 1249 16.32 15.79 -78.60
N LYS A 1250 15.85 14.73 -79.26
CA LYS A 1250 16.27 14.46 -80.63
C LYS A 1250 15.80 15.55 -81.57
N GLN A 1251 14.57 16.03 -81.38
CA GLN A 1251 14.06 17.12 -82.21
C GLN A 1251 14.88 18.39 -82.02
N TRP A 1252 15.26 18.69 -80.78
CA TRP A 1252 16.10 19.86 -80.52
C TRP A 1252 17.50 19.66 -81.08
N SER A 1253 17.99 18.42 -81.09
CA SER A 1253 19.26 18.15 -81.76
C SER A 1253 19.14 18.33 -83.27
N ALA A 1254 17.95 18.13 -83.83
CA ALA A 1254 17.73 18.44 -85.23
C ALA A 1254 17.69 19.96 -85.45
N PHE A 1255 17.02 20.69 -84.55
CA PHE A 1255 16.94 22.14 -84.63
C PHE A 1255 17.88 22.79 -83.61
N LYS A 1256 19.16 22.93 -83.99
CA LYS A 1256 20.18 23.42 -83.07
C LYS A 1256 20.38 24.92 -83.11
N SER A 1257 19.37 25.70 -83.49
CA SER A 1257 19.52 27.15 -83.50
C SER A 1257 19.71 27.66 -82.08
N GLY A 1258 20.46 28.77 -81.96
CA GLY A 1258 20.76 29.31 -80.65
C GLY A 1258 19.51 29.70 -79.88
N GLU A 1259 18.54 30.33 -80.56
CA GLU A 1259 17.27 30.60 -79.92
C GLU A 1259 16.53 29.31 -79.57
N ALA A 1260 16.61 28.30 -80.43
CA ALA A 1260 16.00 27.00 -80.10
C ALA A 1260 16.69 26.38 -78.89
N VAL A 1261 18.01 26.52 -78.79
CA VAL A 1261 18.73 25.97 -77.64
C VAL A 1261 18.34 26.73 -76.36
N ARG A 1262 18.21 28.05 -76.44
CA ARG A 1262 17.76 28.81 -75.29
C ARG A 1262 16.35 28.42 -74.88
N ALA A 1263 15.48 28.21 -75.88
CA ALA A 1263 14.12 27.75 -75.60
C ALA A 1263 14.13 26.38 -74.94
N LYS A 1264 14.99 25.48 -75.42
CA LYS A 1264 15.09 24.15 -74.81
C LYS A 1264 15.59 24.24 -73.37
N ALA A 1265 16.55 25.12 -73.11
CA ALA A 1265 17.00 25.31 -71.74
C ALA A 1265 15.88 25.84 -70.85
N GLN A 1266 15.11 26.80 -71.37
CA GLN A 1266 13.97 27.31 -70.61
C GLN A 1266 12.93 26.22 -70.37
N MET A 1267 12.72 25.35 -71.35
CA MET A 1267 11.75 24.28 -71.18
C MET A 1267 12.25 23.23 -70.19
N ASP A 1268 13.56 22.99 -70.15
CA ASP A 1268 14.13 22.11 -69.14
C ASP A 1268 13.94 22.71 -67.74
N VAL A 1269 14.17 24.02 -67.62
CA VAL A 1269 13.95 24.69 -66.33
C VAL A 1269 12.48 24.58 -65.92
N LEU A 1270 11.57 24.81 -66.87
CA LEU A 1270 10.15 24.73 -66.57
C LEU A 1270 9.73 23.31 -66.27
N LYS A 1271 10.33 22.32 -66.93
CA LYS A 1271 10.03 20.93 -66.64
C LYS A 1271 10.48 20.56 -65.22
N GLN A 1272 11.67 21.02 -64.84
CA GLN A 1272 12.13 20.78 -63.46
C GLN A 1272 11.23 21.47 -62.45
N GLN A 1273 10.80 22.71 -62.74
CA GLN A 1273 9.89 23.41 -61.83
C GLN A 1273 8.54 22.71 -61.74
N ILE A 1274 8.03 22.23 -62.87
CA ILE A 1274 6.75 21.53 -62.90
C ILE A 1274 6.85 20.21 -62.14
N GLU A 1275 7.97 19.50 -62.28
CA GLU A 1275 8.16 18.26 -61.54
C GLU A 1275 8.32 18.54 -60.05
N LYS A 1276 8.96 19.65 -59.69
CA LYS A 1276 9.04 20.06 -58.30
C LYS A 1276 7.65 20.31 -57.73
N LYS A 1277 6.82 21.03 -58.49
CA LYS A 1277 5.44 21.27 -58.06
C LYS A 1277 4.66 19.97 -57.98
N ILE A 1278 4.88 19.05 -58.93
CA ILE A 1278 4.22 17.76 -58.92
C ILE A 1278 4.56 17.03 -57.63
N MET A 1279 5.85 16.89 -57.34
CA MET A 1279 6.29 16.11 -56.20
C MET A 1279 5.82 16.76 -54.90
N LEU A 1280 5.91 18.09 -54.81
CA LEU A 1280 5.40 18.80 -53.63
C LEU A 1280 3.91 18.54 -53.44
N GLN A 1281 3.09 19.02 -54.38
CA GLN A 1281 1.64 19.06 -54.19
C GLN A 1281 1.04 17.67 -54.17
N THR A 1282 1.78 16.65 -54.62
CA THR A 1282 1.24 15.30 -54.58
C THR A 1282 1.69 14.58 -53.32
N GLN A 1283 3.00 14.56 -53.04
CA GLN A 1283 3.50 13.78 -51.93
C GLN A 1283 3.50 14.58 -50.64
N ILE A 1284 4.21 15.71 -50.60
CA ILE A 1284 4.60 16.29 -49.31
C ILE A 1284 3.44 17.05 -48.68
N ILE A 1285 2.88 18.01 -49.41
CA ILE A 1285 1.84 18.88 -48.85
C ILE A 1285 0.66 18.06 -48.37
N PRO A 1286 0.12 17.11 -49.16
CA PRO A 1286 -0.89 16.20 -48.59
C PRO A 1286 -0.36 15.38 -47.43
N ALA A 1287 0.90 14.93 -47.49
CA ALA A 1287 1.45 14.16 -46.38
C ALA A 1287 1.64 15.03 -45.15
N LEU A 1288 2.10 16.28 -45.34
CA LEU A 1288 2.22 17.17 -44.19
C LEU A 1288 0.87 17.44 -43.56
N THR A 1289 -0.16 17.68 -44.38
CA THR A 1289 -1.49 17.87 -43.82
C THR A 1289 -1.97 16.62 -43.09
N GLU A 1290 -1.72 15.45 -43.67
CA GLU A 1290 -2.14 14.19 -43.06
C GLU A 1290 -1.45 13.95 -41.72
N CYS A 1291 -0.14 14.18 -41.63
CA CYS A 1291 0.55 13.98 -40.36
C CYS A 1291 0.16 15.07 -39.36
N GLY A 1292 -0.19 16.26 -39.84
CA GLY A 1292 -0.75 17.27 -38.95
C GLY A 1292 -2.05 16.81 -38.31
N GLU A 1293 -2.94 16.24 -39.12
CA GLU A 1293 -4.18 15.67 -38.56
C GLU A 1293 -3.86 14.52 -37.61
N ALA A 1294 -2.91 13.66 -37.98
CA ALA A 1294 -2.58 12.51 -37.15
C ALA A 1294 -2.06 12.94 -35.78
N LEU A 1295 -1.16 13.93 -35.76
CA LEU A 1295 -0.71 14.48 -34.49
C LEU A 1295 -1.85 15.15 -33.73
N ASP A 1296 -2.72 15.86 -34.45
CA ASP A 1296 -3.93 16.38 -33.83
C ASP A 1296 -4.80 15.25 -33.30
N LYS A 1297 -4.96 14.18 -34.10
CA LYS A 1297 -5.62 12.98 -33.63
C LYS A 1297 -4.78 12.18 -32.65
N GLN A 1298 -3.49 12.51 -32.53
CA GLN A 1298 -2.57 11.75 -31.67
C GLN A 1298 -2.52 10.29 -32.07
N ASN A 1299 -2.54 10.02 -33.38
CA ASN A 1299 -2.52 8.68 -33.92
C ASN A 1299 -1.14 8.42 -34.54
N VAL A 1300 -0.42 7.45 -33.99
CA VAL A 1300 0.91 7.14 -34.50
C VAL A 1300 0.83 6.48 -35.87
N THR A 1301 -0.17 5.61 -36.06
CA THR A 1301 -0.25 4.84 -37.30
C THR A 1301 -0.46 5.75 -38.51
N GLU A 1302 -1.34 6.76 -38.37
CA GLU A 1302 -1.58 7.68 -39.48
C GLU A 1302 -0.34 8.51 -39.78
N ALA A 1303 0.39 8.93 -38.74
CA ALA A 1303 1.64 9.65 -38.96
C ALA A 1303 2.65 8.78 -39.69
N LEU A 1304 2.74 7.51 -39.32
CA LEU A 1304 3.64 6.59 -40.04
C LEU A 1304 3.22 6.40 -41.48
N GLN A 1305 1.90 6.32 -41.73
CA GLN A 1305 1.41 6.21 -43.10
C GLN A 1305 1.78 7.43 -43.92
N ALA A 1306 1.62 8.62 -43.35
CA ALA A 1306 2.05 9.83 -44.03
C ALA A 1306 3.56 9.83 -44.25
N LEU A 1307 4.30 9.24 -43.32
CA LEU A 1307 5.74 9.07 -43.49
C LEU A 1307 6.06 8.21 -44.71
N ASN A 1308 5.40 7.06 -44.85
CA ASN A 1308 5.62 6.24 -46.03
C ASN A 1308 5.20 6.96 -47.31
N LYS A 1309 4.12 7.75 -47.24
CA LYS A 1309 3.69 8.50 -48.41
C LYS A 1309 4.72 9.54 -48.82
N LEU A 1310 5.52 10.04 -47.87
CA LEU A 1310 6.53 11.03 -48.20
C LEU A 1310 7.59 10.43 -49.12
N PRO A 1311 8.15 11.22 -50.04
CA PRO A 1311 9.15 10.68 -50.96
C PRO A 1311 10.49 10.47 -50.28
N ALA A 1312 11.38 9.79 -51.00
CA ALA A 1312 12.71 9.50 -50.49
C ALA A 1312 13.63 10.71 -50.67
N GLU A 1313 14.75 10.68 -49.94
CA GLU A 1313 15.71 11.78 -50.02
C GLU A 1313 16.35 11.86 -51.40
N LYS A 1314 16.67 10.71 -52.00
CA LYS A 1314 17.27 10.70 -53.33
C LYS A 1314 16.30 11.21 -54.38
N GLU A 1315 15.00 10.93 -54.21
CA GLU A 1315 14.00 11.45 -55.14
C GLU A 1315 13.96 12.97 -55.10
N ILE A 1316 14.06 13.55 -53.90
CA ILE A 1316 14.14 15.00 -53.78
C ILE A 1316 15.43 15.51 -54.39
N GLY A 1317 16.53 14.78 -54.19
CA GLY A 1317 17.81 15.17 -54.78
C GLY A 1317 17.78 15.17 -56.29
N LYS A 1318 16.93 14.33 -56.89
CA LYS A 1318 16.76 14.35 -58.34
C LYS A 1318 16.25 15.71 -58.81
N VAL A 1319 15.31 16.29 -58.07
CA VAL A 1319 14.74 17.59 -58.42
C VAL A 1319 15.71 18.68 -58.01
N LYS A 1320 16.46 19.21 -58.98
CA LYS A 1320 17.46 20.22 -58.68
C LYS A 1320 16.85 21.58 -58.32
N THR A 1321 15.62 21.85 -58.77
CA THR A 1321 14.98 23.12 -58.45
C THR A 1321 14.65 23.27 -56.97
N ILE A 1322 14.68 22.18 -56.21
CA ILE A 1322 14.46 22.25 -54.77
C ILE A 1322 15.77 22.70 -54.11
N GLY A 1323 15.69 23.78 -53.33
CA GLY A 1323 16.87 24.27 -52.65
C GLY A 1323 17.39 23.28 -51.64
N GLN A 1324 18.72 23.29 -51.45
CA GLN A 1324 19.33 22.36 -50.51
C GLN A 1324 18.88 22.64 -49.08
N GLU A 1325 18.56 23.89 -48.75
CA GLU A 1325 18.04 24.19 -47.42
C GLU A 1325 16.70 23.53 -47.18
N LEU A 1326 15.76 23.68 -48.13
CA LEU A 1326 14.46 23.05 -47.99
C LEU A 1326 14.59 21.52 -48.02
N ARG A 1327 15.45 21.00 -48.88
CA ARG A 1327 15.66 19.55 -48.93
C ARG A 1327 16.17 19.03 -47.59
N GLY A 1328 17.16 19.71 -47.02
CA GLY A 1328 17.67 19.31 -45.72
C GLY A 1328 16.62 19.40 -44.63
N GLN A 1329 15.83 20.47 -44.65
CA GLN A 1329 14.77 20.63 -43.66
C GLN A 1329 13.75 19.51 -43.77
N ILE A 1330 13.34 19.17 -44.99
CA ILE A 1330 12.31 18.15 -45.19
C ILE A 1330 12.85 16.78 -44.78
N VAL A 1331 14.08 16.47 -45.16
CA VAL A 1331 14.67 15.18 -44.77
C VAL A 1331 14.85 15.11 -43.26
N GLY A 1332 15.22 16.24 -42.64
CA GLY A 1332 15.33 16.27 -41.19
C GLY A 1332 14.00 16.03 -40.51
N VAL A 1333 12.94 16.65 -41.01
CA VAL A 1333 11.60 16.41 -40.48
C VAL A 1333 11.24 14.93 -40.60
N LYS A 1334 11.47 14.36 -41.79
CA LYS A 1334 11.15 12.95 -42.01
C LYS A 1334 11.88 12.06 -41.01
N GLN A 1335 13.19 12.26 -40.88
CA GLN A 1335 13.99 11.41 -40.01
C GLN A 1335 13.61 11.60 -38.55
N GLU A 1336 13.37 12.84 -38.13
CA GLU A 1336 13.01 13.12 -36.75
C GLU A 1336 11.69 12.47 -36.38
N LEU A 1337 10.66 12.66 -37.22
CA LEU A 1337 9.39 12.01 -36.96
C LEU A 1337 9.51 10.49 -36.98
N THR A 1338 10.30 9.94 -37.90
CA THR A 1338 10.49 8.49 -37.91
C THR A 1338 11.09 8.02 -36.58
N GLY A 1339 12.21 8.63 -36.18
CA GLY A 1339 12.93 8.13 -35.02
C GLY A 1339 12.26 8.47 -33.71
N ASN A 1340 11.30 9.40 -33.73
CA ASN A 1340 10.59 9.74 -32.51
C ASN A 1340 9.28 8.95 -32.40
N LEU A 1341 8.65 8.66 -33.54
CA LEU A 1341 7.36 7.97 -33.51
C LEU A 1341 7.52 6.46 -33.44
N GLU A 1342 8.54 5.90 -34.09
CA GLU A 1342 8.70 4.45 -34.09
C GLU A 1342 8.88 3.89 -32.68
N PRO A 1343 9.76 4.43 -31.82
CA PRO A 1343 9.75 3.99 -30.42
C PRO A 1343 8.44 4.30 -29.72
N LEU A 1344 7.79 5.42 -30.10
CA LEU A 1344 6.55 5.80 -29.46
C LEU A 1344 5.43 4.81 -29.75
N GLN A 1345 5.52 4.08 -30.87
CA GLN A 1345 4.52 3.06 -31.17
C GLN A 1345 4.72 1.82 -30.31
N ARG A 1346 5.93 1.59 -29.82
CA ARG A 1346 6.24 0.38 -29.07
C ARG A 1346 5.49 0.36 -27.74
N ALA A 1347 4.99 -0.83 -27.38
CA ALA A 1347 4.42 -1.10 -26.06
C ALA A 1347 3.35 -0.09 -25.68
N THR A 1348 2.41 0.17 -26.58
CA THR A 1348 1.33 1.10 -26.30
C THR A 1348 0.32 0.55 -25.30
N THR A 1349 0.40 -0.75 -24.96
CA THR A 1349 -0.56 -1.38 -24.06
C THR A 1349 0.09 -1.64 -22.71
N THR A 1350 -0.54 -1.13 -21.65
CA THR A 1350 -0.08 -1.42 -20.31
C THR A 1350 -0.33 -2.89 -19.97
N PRO A 1351 0.57 -3.54 -19.22
CA PRO A 1351 0.32 -4.91 -18.79
C PRO A 1351 -1.00 -5.05 -18.02
N ILE A 1352 -1.72 -6.13 -18.30
CA ILE A 1352 -3.09 -6.28 -17.84
C ILE A 1352 -3.14 -7.14 -16.58
N VAL A 1353 -3.95 -6.74 -15.62
CA VAL A 1353 -4.22 -7.55 -14.43
C VAL A 1353 -5.23 -8.63 -14.82
N GLN A 1354 -4.74 -9.83 -15.13
CA GLN A 1354 -5.54 -10.85 -15.78
C GLN A 1354 -6.21 -11.82 -14.80
N ASP A 1355 -5.95 -11.70 -13.51
CA ASP A 1355 -6.54 -12.62 -12.54
C ASP A 1355 -7.96 -12.21 -12.18
N ALA A 1356 -8.90 -12.40 -13.10
CA ALA A 1356 -10.26 -11.89 -12.90
C ALA A 1356 -10.98 -12.59 -11.76
N GLU A 1357 -10.74 -13.89 -11.57
CA GLU A 1357 -11.46 -14.64 -10.55
C GLU A 1357 -11.20 -14.09 -9.16
N LYS A 1358 -9.93 -13.91 -8.81
CA LYS A 1358 -9.57 -13.44 -7.48
C LYS A 1358 -10.17 -12.07 -7.21
N ILE A 1359 -10.06 -11.15 -8.17
CA ILE A 1359 -10.56 -9.80 -7.99
C ILE A 1359 -12.08 -9.82 -7.82
N LYS A 1360 -12.77 -10.63 -8.63
CA LYS A 1360 -14.23 -10.71 -8.53
C LYS A 1360 -14.68 -11.24 -7.17
N VAL A 1361 -14.04 -12.33 -6.71
CA VAL A 1361 -14.41 -12.90 -5.43
C VAL A 1361 -14.13 -11.91 -4.30
N ARG A 1362 -12.98 -11.23 -4.36
CA ARG A 1362 -12.64 -10.25 -3.35
C ARG A 1362 -13.64 -9.10 -3.34
N TYR A 1363 -14.06 -8.65 -4.52
CA TYR A 1363 -15.05 -7.58 -4.60
C TYR A 1363 -16.38 -8.02 -3.99
N GLU A 1364 -16.81 -9.24 -4.28
CA GLU A 1364 -18.07 -9.71 -3.72
C GLU A 1364 -18.01 -9.80 -2.20
N THR A 1365 -16.92 -10.34 -1.66
CA THR A 1365 -16.78 -10.44 -0.21
C THR A 1365 -16.75 -9.05 0.42
N LEU A 1366 -15.99 -8.13 -0.16
CA LEU A 1366 -15.92 -6.78 0.37
C LEU A 1366 -17.26 -6.08 0.31
N LEU A 1367 -18.01 -6.29 -0.78
CA LEU A 1367 -19.33 -5.68 -0.91
C LEU A 1367 -20.27 -6.19 0.18
N THR A 1368 -20.26 -7.51 0.43
CA THR A 1368 -21.09 -8.04 1.49
C THR A 1368 -20.70 -7.45 2.84
N ASP A 1369 -19.40 -7.35 3.10
CA ASP A 1369 -18.93 -6.81 4.38
C ASP A 1369 -19.35 -5.35 4.56
N VAL A 1370 -19.20 -4.53 3.52
CA VAL A 1370 -19.52 -3.11 3.67
C VAL A 1370 -21.03 -2.93 3.79
N THR A 1371 -21.81 -3.76 3.09
CA THR A 1371 -23.26 -3.70 3.26
C THR A 1371 -23.66 -4.03 4.68
N LYS A 1372 -23.03 -5.05 5.27
CA LYS A 1372 -23.31 -5.40 6.66
C LYS A 1372 -22.94 -4.25 7.60
N ARG A 1373 -21.78 -3.61 7.36
CA ARG A 1373 -21.36 -2.50 8.21
C ARG A 1373 -22.29 -1.30 8.05
N VAL A 1374 -22.77 -1.05 6.83
CA VAL A 1374 -23.72 0.04 6.62
C VAL A 1374 -25.02 -0.23 7.35
N THR A 1375 -25.50 -1.47 7.32
CA THR A 1375 -26.69 -1.82 8.08
C THR A 1375 -26.48 -1.61 9.58
N ASP A 1376 -25.31 -2.02 10.08
CA ASP A 1376 -25.00 -1.80 11.49
C ASP A 1376 -24.96 -0.33 11.84
N PHE A 1377 -24.41 0.50 10.95
CA PHE A 1377 -24.44 1.95 11.14
C PHE A 1377 -25.87 2.47 11.16
N GLU A 1378 -26.72 1.94 10.27
CA GLU A 1378 -28.12 2.34 10.24
C GLU A 1378 -28.83 2.00 11.54
N LYS A 1379 -28.42 0.92 12.20
CA LYS A 1379 -29.05 0.53 13.47
C LYS A 1379 -28.79 1.55 14.57
N ILE A 1380 -27.76 2.38 14.42
CA ILE A 1380 -27.31 3.22 15.53
C ILE A 1380 -28.30 4.35 15.79
N LYS A 1381 -28.57 4.60 17.07
CA LYS A 1381 -29.35 5.75 17.51
C LYS A 1381 -28.60 6.44 18.64
N PRO A 1382 -28.01 7.60 18.41
CA PRO A 1382 -27.15 8.22 19.41
C PRO A 1382 -27.94 8.87 20.54
N ALA A 1383 -27.23 9.13 21.64
CA ALA A 1383 -27.82 9.76 22.80
C ALA A 1383 -26.96 10.82 23.46
N ASN A 1384 -25.74 11.06 22.98
CA ASN A 1384 -24.85 12.02 23.61
C ASN A 1384 -23.76 12.44 22.63
N LEU A 1385 -22.88 13.32 23.10
CA LEU A 1385 -21.79 13.84 22.27
C LEU A 1385 -20.82 12.74 21.88
N ASP A 1386 -20.47 11.85 22.81
CA ASP A 1386 -19.51 10.80 22.51
C ASP A 1386 -20.01 9.88 21.41
N GLY A 1387 -21.30 9.50 21.48
CA GLY A 1387 -21.87 8.70 20.43
C GLY A 1387 -21.87 9.41 19.08
N TYR A 1388 -22.12 10.72 19.09
CA TYR A 1388 -22.09 11.49 17.85
C TYR A 1388 -20.69 11.49 17.24
N ASN A 1389 -19.67 11.69 18.08
CA ASN A 1389 -18.30 11.69 17.58
C ASN A 1389 -17.91 10.32 17.04
N LYS A 1390 -18.29 9.26 17.76
CA LYS A 1390 -17.99 7.91 17.30
C LYS A 1390 -18.68 7.62 15.97
N ALA A 1391 -19.93 8.07 15.83
CA ALA A 1391 -20.64 7.89 14.57
C ALA A 1391 -19.99 8.66 13.44
N ILE A 1392 -19.50 9.88 13.73
CA ILE A 1392 -18.80 10.65 12.70
C ILE A 1392 -17.54 9.93 12.24
N ALA A 1393 -16.75 9.43 13.20
CA ALA A 1393 -15.54 8.69 12.83
C ALA A 1393 -15.87 7.43 12.04
N ASP A 1394 -16.93 6.72 12.44
CA ASP A 1394 -17.34 5.52 11.71
C ASP A 1394 -17.77 5.87 10.29
N LEU A 1395 -18.51 6.97 10.13
CA LEU A 1395 -18.90 7.40 8.79
C LEU A 1395 -17.69 7.74 7.94
N ASN A 1396 -16.69 8.40 8.54
CA ASN A 1396 -15.48 8.73 7.79
C ASN A 1396 -14.76 7.47 7.32
N ASN A 1397 -14.59 6.49 8.22
CA ASN A 1397 -13.86 5.29 7.80
C ASN A 1397 -14.67 4.47 6.81
N ILE A 1398 -16.00 4.48 6.92
CA ILE A 1398 -16.83 3.77 5.95
C ILE A 1398 -16.75 4.45 4.59
N GLN A 1399 -16.66 5.79 4.58
CA GLN A 1399 -16.48 6.50 3.30
C GLN A 1399 -15.14 6.16 2.68
N GLN A 1400 -14.09 6.04 3.51
CA GLN A 1400 -12.80 5.59 3.00
C GLN A 1400 -12.90 4.17 2.42
N GLU A 1401 -13.65 3.29 3.09
CA GLU A 1401 -13.87 1.96 2.56
C GLU A 1401 -14.61 1.99 1.23
N LEU A 1402 -15.58 2.90 1.10
CA LEU A 1402 -16.27 3.08 -0.17
C LEU A 1402 -15.33 3.57 -1.26
N ASN A 1403 -14.38 4.44 -0.91
CA ASN A 1403 -13.37 4.85 -1.88
C ASN A 1403 -12.52 3.66 -2.32
N LEU A 1404 -12.16 2.80 -1.38
CA LEU A 1404 -11.44 1.57 -1.73
C LEU A 1404 -12.28 0.71 -2.68
N LEU A 1405 -13.58 0.62 -2.40
CA LEU A 1405 -14.48 -0.13 -3.28
C LEU A 1405 -14.52 0.48 -4.67
N ARG A 1406 -14.54 1.82 -4.74
CA ARG A 1406 -14.52 2.50 -6.03
C ARG A 1406 -13.26 2.15 -6.81
N ASN A 1407 -12.11 2.19 -6.15
CA ASN A 1407 -10.86 1.86 -6.83
C ASN A 1407 -10.85 0.42 -7.32
N GLU A 1408 -11.33 -0.50 -6.47
CA GLU A 1408 -11.37 -1.91 -6.87
C GLU A 1408 -12.33 -2.13 -8.03
N LYS A 1409 -13.49 -1.47 -8.03
CA LYS A 1409 -14.43 -1.58 -9.13
C LYS A 1409 -13.83 -1.01 -10.42
N ILE A 1410 -13.11 0.09 -10.33
CA ILE A 1410 -12.44 0.65 -11.49
C ILE A 1410 -11.43 -0.33 -12.06
N ARG A 1411 -10.65 -0.96 -11.18
CA ARG A 1411 -9.70 -1.97 -11.65
C ARG A 1411 -10.39 -3.18 -12.24
N MET A 1412 -11.61 -3.49 -11.77
CA MET A 1412 -12.34 -4.63 -12.32
C MET A 1412 -12.81 -4.37 -13.75
N HIS A 1413 -12.86 -3.11 -14.17
CA HIS A 1413 -13.35 -2.73 -15.49
C HIS A 1413 -12.29 -3.07 -16.53
N THR A 1414 -12.65 -3.98 -17.45
CA THR A 1414 -11.67 -4.44 -18.43
C THR A 1414 -11.94 -3.85 -19.82
N ASP A 1415 -13.20 -3.59 -20.16
CA ASP A 1415 -13.52 -3.08 -21.49
C ASP A 1415 -13.21 -1.59 -21.58
N LYS A 1416 -12.65 -1.18 -22.71
CA LYS A 1416 -12.29 0.22 -22.90
C LYS A 1416 -13.49 1.07 -23.33
N ASP A 1417 -14.49 0.44 -23.96
CA ASP A 1417 -15.61 1.17 -24.55
C ASP A 1417 -16.88 1.13 -23.68
N LYS A 1418 -16.74 0.92 -22.38
CA LYS A 1418 -17.87 0.97 -21.47
C LYS A 1418 -17.53 1.82 -20.26
N ALA A 1419 -18.54 2.52 -19.75
CA ALA A 1419 -18.36 3.35 -18.57
C ALA A 1419 -18.32 2.49 -17.31
N VAL A 1420 -17.60 2.98 -16.31
CA VAL A 1420 -17.50 2.27 -15.04
C VAL A 1420 -18.71 2.60 -14.18
N ASP A 1421 -19.27 1.57 -13.55
CA ASP A 1421 -20.52 1.72 -12.79
C ASP A 1421 -20.22 1.92 -11.31
N PHE A 1422 -20.96 2.84 -10.68
CA PHE A 1422 -20.90 3.03 -9.24
C PHE A 1422 -22.28 3.02 -8.58
N SER A 1423 -23.27 2.36 -9.19
CA SER A 1423 -24.63 2.42 -8.68
C SER A 1423 -24.73 1.85 -7.26
N ASP A 1424 -24.08 0.71 -7.00
CA ASP A 1424 -24.14 0.12 -5.67
C ASP A 1424 -23.42 0.99 -4.65
N ILE A 1425 -22.21 1.43 -4.98
CA ILE A 1425 -21.43 2.23 -4.04
C ILE A 1425 -22.14 3.55 -3.76
N GLU A 1426 -22.69 4.18 -4.80
CA GLU A 1426 -23.43 5.41 -4.60
C GLU A 1426 -24.71 5.19 -3.82
N ALA A 1427 -25.35 4.02 -3.98
CA ALA A 1427 -26.54 3.71 -3.19
C ALA A 1427 -26.20 3.59 -1.71
N LEU A 1428 -25.11 2.89 -1.39
CA LEU A 1428 -24.67 2.83 0.01
C LEU A 1428 -24.28 4.21 0.53
N ASP A 1429 -23.65 5.02 -0.32
CA ASP A 1429 -23.29 6.38 0.09
C ASP A 1429 -24.54 7.21 0.39
N LYS A 1430 -25.57 7.07 -0.44
CA LYS A 1430 -26.83 7.78 -0.19
C LYS A 1430 -27.48 7.30 1.10
N ARG A 1431 -27.45 5.99 1.36
CA ARG A 1431 -27.97 5.48 2.63
C ARG A 1431 -27.21 6.06 3.81
N LEU A 1432 -25.88 6.13 3.69
CA LEU A 1432 -25.06 6.69 4.75
C LEU A 1432 -25.37 8.18 4.97
N GLN A 1433 -25.59 8.91 3.88
CA GLN A 1433 -25.93 10.32 4.02
C GLN A 1433 -27.32 10.51 4.63
N ASP A 1434 -28.27 9.63 4.31
CA ASP A 1434 -29.57 9.68 4.97
C ASP A 1434 -29.43 9.42 6.46
N VAL A 1435 -28.60 8.45 6.84
CA VAL A 1435 -28.35 8.21 8.26
C VAL A 1435 -27.67 9.41 8.89
N GLN A 1436 -26.74 10.04 8.16
CA GLN A 1436 -26.07 11.22 8.67
C GLN A 1436 -27.04 12.36 8.91
N SER A 1437 -28.06 12.50 8.05
CA SER A 1437 -29.09 13.51 8.29
C SER A 1437 -29.98 13.14 9.46
N LYS A 1438 -30.28 11.84 9.61
CA LYS A 1438 -31.19 11.42 10.69
C LYS A 1438 -30.54 11.53 12.06
N LEU A 1439 -29.24 11.30 12.15
CA LEU A 1439 -28.57 11.22 13.46
C LEU A 1439 -28.74 12.46 14.31
N PRO A 1440 -28.49 13.68 13.82
CA PRO A 1440 -28.67 14.86 14.68
C PRO A 1440 -30.11 15.04 15.13
N THR A 1441 -31.09 14.67 14.31
CA THR A 1441 -32.48 14.79 14.72
C THR A 1441 -32.79 13.89 15.91
N GLN A 1442 -32.33 12.64 15.85
CA GLN A 1442 -32.53 11.71 16.96
C GLN A 1442 -31.76 12.18 18.20
N LEU A 1443 -30.55 12.69 18.02
CA LEU A 1443 -29.79 13.21 19.15
C LEU A 1443 -30.51 14.38 19.80
N LEU A 1444 -31.06 15.28 18.99
CA LEU A 1444 -31.80 16.43 19.52
C LEU A 1444 -33.04 15.98 20.26
N GLU A 1445 -33.78 15.01 19.69
CA GLU A 1445 -34.99 14.53 20.36
C GLU A 1445 -34.66 13.89 21.70
N GLN A 1446 -33.62 13.06 21.74
CA GLN A 1446 -33.21 12.42 22.99
C GLN A 1446 -32.74 13.46 24.00
N THR A 1447 -31.99 14.47 23.55
CA THR A 1447 -31.52 15.52 24.45
C THR A 1447 -32.69 16.30 25.02
N SER A 1448 -33.68 16.62 24.18
CA SER A 1448 -34.85 17.35 24.66
C SER A 1448 -35.63 16.54 25.68
N LYS A 1449 -35.83 15.24 25.41
CA LYS A 1449 -36.55 14.39 26.36
C LYS A 1449 -35.79 14.30 27.69
N ASP A 1450 -34.47 14.13 27.62
CA ASP A 1450 -33.68 14.03 28.84
C ASP A 1450 -33.66 15.34 29.62
N VAL A 1451 -33.64 16.48 28.91
CA VAL A 1451 -33.70 17.77 29.59
C VAL A 1451 -35.05 17.95 30.27
N ALA A 1452 -36.13 17.55 29.60
CA ALA A 1452 -37.45 17.60 30.23
C ALA A 1452 -37.50 16.70 31.47
N LYS A 1453 -36.86 15.53 31.41
CA LYS A 1453 -36.79 14.67 32.58
C LYS A 1453 -35.99 15.34 33.70
N LEU A 1454 -34.91 16.03 33.36
CA LEU A 1454 -34.00 16.57 34.36
C LEU A 1454 -34.63 17.72 35.14
N ALA A 1455 -35.62 18.39 34.54
CA ALA A 1455 -36.18 19.59 35.14
C ALA A 1455 -36.85 19.32 36.49
N LYS A 1456 -37.17 18.06 36.79
CA LYS A 1456 -37.84 17.70 38.04
C LYS A 1456 -36.83 17.75 39.19
N MET A 1457 -36.73 18.91 39.81
CA MET A 1457 -35.82 19.07 40.94
C MET A 1457 -36.35 18.31 42.15
N PRO A 1458 -35.47 17.76 42.99
CA PRO A 1458 -35.93 17.08 44.20
C PRO A 1458 -36.50 18.06 45.21
N GLU A 1459 -37.41 17.56 46.05
CA GLU A 1459 -37.99 18.40 47.09
C GLU A 1459 -36.96 18.79 48.14
N LYS A 1460 -36.03 17.89 48.46
CA LYS A 1460 -34.95 18.16 49.39
C LYS A 1460 -33.63 17.99 48.66
N ILE A 1461 -32.77 19.01 48.74
CA ILE A 1461 -31.55 19.07 47.95
C ILE A 1461 -30.37 19.33 48.87
N THR A 1462 -29.32 18.55 48.73
CA THR A 1462 -28.07 18.74 49.46
C THR A 1462 -26.96 19.15 48.50
N PHE A 1463 -25.82 19.53 49.08
CA PHE A 1463 -24.74 20.13 48.28
C PHE A 1463 -24.17 19.14 47.27
N ASN A 1464 -24.06 17.85 47.65
CA ASN A 1464 -23.64 16.85 46.68
C ASN A 1464 -24.67 16.65 45.59
N ASP A 1465 -25.96 16.72 45.94
CA ASP A 1465 -27.01 16.74 44.92
C ASP A 1465 -26.86 17.97 44.03
N ILE A 1466 -26.52 19.11 44.62
CA ILE A 1466 -26.27 20.31 43.83
C ILE A 1466 -25.18 20.04 42.80
N LYS A 1467 -24.06 19.44 43.24
CA LYS A 1467 -22.93 19.20 42.34
C LYS A 1467 -23.32 18.23 41.22
N SER A 1468 -23.97 17.12 41.56
CA SER A 1468 -24.31 16.13 40.56
C SER A 1468 -25.30 16.69 39.54
N MET A 1469 -26.32 17.40 40.02
CA MET A 1469 -27.35 17.90 39.11
C MET A 1469 -26.79 19.03 38.25
N THR A 1470 -25.88 19.84 38.81
CA THR A 1470 -25.16 20.83 38.01
C THR A 1470 -24.31 20.16 36.94
N SER A 1471 -23.66 19.04 37.28
CA SER A 1471 -22.86 18.34 36.28
C SER A 1471 -23.74 17.84 35.14
N LYS A 1472 -24.92 17.29 35.46
CA LYS A 1472 -25.85 16.86 34.43
C LYS A 1472 -26.28 18.04 33.56
N MET A 1473 -26.60 19.17 34.19
CA MET A 1473 -27.01 20.35 33.45
C MET A 1473 -25.88 20.85 32.54
N ASN A 1474 -24.65 20.80 33.03
CA ASN A 1474 -23.50 21.19 32.20
C ASN A 1474 -23.34 20.26 31.02
N ASN A 1475 -23.54 18.96 31.21
CA ASN A 1475 -23.46 18.02 30.10
C ASN A 1475 -24.51 18.34 29.05
N TYR A 1476 -25.75 18.61 29.48
CA TYR A 1476 -26.81 18.92 28.52
C TYR A 1476 -26.55 20.25 27.82
N LEU A 1477 -26.02 21.24 28.54
CA LEU A 1477 -25.68 22.52 27.93
C LEU A 1477 -24.58 22.36 26.89
N GLU A 1478 -23.59 21.51 27.19
CA GLU A 1478 -22.53 21.25 26.22
C GLU A 1478 -23.07 20.53 24.98
N THR A 1479 -24.02 19.60 25.18
CA THR A 1479 -24.66 18.98 24.02
C THR A 1479 -25.41 20.00 23.18
N LEU A 1480 -26.14 20.91 23.83
CA LEU A 1480 -26.84 21.95 23.09
C LEU A 1480 -25.86 22.87 22.36
N GLU A 1481 -24.72 23.19 22.97
CA GLU A 1481 -23.72 23.99 22.29
C GLU A 1481 -23.14 23.25 21.09
N LEU A 1482 -22.97 21.93 21.22
CA LEU A 1482 -22.52 21.12 20.09
C LEU A 1482 -23.53 21.20 18.94
N ILE A 1483 -24.82 21.09 19.26
CA ILE A 1483 -25.84 21.22 18.22
C ILE A 1483 -25.84 22.63 17.63
N ARG A 1484 -25.58 23.65 18.45
CA ARG A 1484 -25.44 25.01 17.96
C ARG A 1484 -24.33 25.12 16.93
N ASN A 1485 -23.15 24.57 17.26
CA ASN A 1485 -22.03 24.62 16.34
C ASN A 1485 -22.32 23.84 15.07
N ASP A 1486 -22.98 22.68 15.18
CA ASP A 1486 -23.35 21.90 14.01
C ASP A 1486 -24.29 22.68 13.11
N ARG A 1487 -25.30 23.34 13.70
CA ARG A 1487 -26.25 24.12 12.92
C ARG A 1487 -25.56 25.29 12.24
N ILE A 1488 -24.65 25.96 12.95
CA ILE A 1488 -23.91 27.07 12.35
C ILE A 1488 -23.07 26.58 11.18
N LYS A 1489 -22.41 25.44 11.37
CA LYS A 1489 -21.54 24.90 10.32
C LYS A 1489 -22.32 24.50 9.08
N LYS A 1490 -23.48 23.87 9.26
CA LYS A 1490 -24.19 23.29 8.12
C LYS A 1490 -25.11 24.31 7.45
N HIS A 1491 -25.75 25.17 8.23
CA HIS A 1491 -26.84 25.99 7.71
C HIS A 1491 -26.34 27.25 7.01
N ALA A 1492 -25.03 27.46 6.98
CA ALA A 1492 -24.48 28.64 6.33
C ALA A 1492 -24.83 28.66 4.85
N GLY A 1493 -25.31 29.80 4.37
CA GLY A 1493 -25.69 29.97 2.98
C GLY A 1493 -27.12 29.61 2.65
N SER A 1494 -27.87 29.07 3.60
CA SER A 1494 -29.25 28.68 3.33
C SER A 1494 -30.16 29.91 3.28
N THR A 1495 -31.27 29.77 2.54
CA THR A 1495 -32.25 30.84 2.47
C THR A 1495 -33.02 31.02 3.76
N ASP A 1496 -33.24 29.95 4.52
CA ASP A 1496 -33.94 30.03 5.79
C ASP A 1496 -33.10 30.78 6.81
N PRO A 1497 -33.74 31.50 7.72
CA PRO A 1497 -32.99 32.16 8.80
C PRO A 1497 -32.35 31.14 9.73
N LEU A 1498 -31.27 31.56 10.38
CA LEU A 1498 -30.57 30.70 11.33
C LEU A 1498 -31.42 30.54 12.61
N ASP A 1499 -32.51 29.79 12.47
CA ASP A 1499 -33.44 29.62 13.58
C ASP A 1499 -32.77 28.82 14.69
N MET A 1500 -32.85 29.31 15.93
CA MET A 1500 -32.32 28.47 17.05
C MET A 1500 -33.22 28.69 18.25
N SER A 1501 -34.42 29.24 18.00
CA SER A 1501 -35.35 29.53 19.08
C SER A 1501 -35.63 28.32 19.95
N ASP A 1502 -35.73 27.12 19.35
CA ASP A 1502 -36.03 25.94 20.16
C ASP A 1502 -34.86 25.59 21.07
N LEU A 1503 -33.64 25.62 20.52
CA LEU A 1503 -32.47 25.33 21.33
C LEU A 1503 -32.23 26.42 22.37
N ASP A 1504 -32.57 27.67 22.03
CA ASP A 1504 -32.52 28.73 23.03
C ASP A 1504 -33.59 28.56 24.10
N GLY A 1505 -34.73 27.96 23.75
CA GLY A 1505 -35.72 27.65 24.78
C GLY A 1505 -35.25 26.55 25.72
N LEU A 1506 -34.60 25.53 25.17
CA LEU A 1506 -34.01 24.50 26.01
C LEU A 1506 -32.90 25.08 26.89
N LYS A 1507 -32.08 25.97 26.32
CA LYS A 1507 -31.04 26.63 27.10
C LYS A 1507 -31.64 27.55 28.15
N GLY A 1508 -32.80 28.15 27.86
CA GLY A 1508 -33.49 28.94 28.85
C GLY A 1508 -34.00 28.10 30.01
N GLN A 1509 -34.53 26.91 29.69
CA GLN A 1509 -34.91 25.98 30.75
C GLN A 1509 -33.71 25.60 31.61
N LEU A 1510 -32.58 25.30 30.95
CA LEU A 1510 -31.39 24.91 31.70
C LEU A 1510 -30.80 26.08 32.50
N GLN A 1511 -30.91 27.30 32.00
CA GLN A 1511 -30.39 28.43 32.77
C GLN A 1511 -31.33 28.83 33.89
N THR A 1512 -32.63 28.56 33.75
CA THR A 1512 -33.53 28.71 34.90
C THR A 1512 -33.23 27.64 35.95
N TYR A 1513 -32.93 26.42 35.50
CA TYR A 1513 -32.38 25.39 36.37
C TYR A 1513 -31.16 25.91 37.13
N ASN A 1514 -30.21 26.49 36.39
CA ASN A 1514 -29.00 27.04 37.00
C ASN A 1514 -29.33 28.16 37.98
N GLN A 1515 -30.28 29.02 37.62
CA GLN A 1515 -30.64 30.15 38.46
C GLN A 1515 -31.25 29.68 39.77
N SER A 1516 -32.15 28.70 39.73
CA SER A 1516 -32.73 28.17 40.96
C SER A 1516 -31.68 27.47 41.81
N MET A 1517 -30.81 26.68 41.17
CA MET A 1517 -29.78 25.98 41.93
C MET A 1517 -28.83 26.98 42.58
N ALA A 1518 -28.46 28.02 41.85
CA ALA A 1518 -27.59 29.06 42.37
C ALA A 1518 -28.30 29.88 43.45
N ASP A 1519 -29.62 30.02 43.35
CA ASP A 1519 -30.37 30.67 44.41
C ASP A 1519 -30.25 29.89 45.71
N ILE A 1520 -30.40 28.56 45.64
CA ILE A 1520 -30.21 27.73 46.82
C ILE A 1520 -28.79 27.87 47.35
N LEU A 1521 -27.80 27.81 46.45
CA LEU A 1521 -26.40 27.93 46.86
C LEU A 1521 -26.13 29.27 47.53
N LEU A 1522 -26.65 30.36 46.96
CA LEU A 1522 -26.41 31.68 47.50
C LEU A 1522 -27.11 31.87 48.84
N ARG A 1523 -28.32 31.34 48.99
CA ARG A 1523 -29.00 31.38 50.28
C ARG A 1523 -28.15 30.70 51.34
N ALA A 1524 -27.69 29.48 51.06
CA ALA A 1524 -26.89 28.74 52.04
C ALA A 1524 -25.58 29.49 52.34
N ALA A 1525 -24.92 29.98 51.30
CA ALA A 1525 -23.62 30.63 51.49
C ALA A 1525 -23.75 31.92 52.28
N LYS A 1526 -24.77 32.74 51.98
CA LYS A 1526 -24.96 33.98 52.71
C LYS A 1526 -25.38 33.72 54.14
N SER A 1527 -26.20 32.69 54.38
CA SER A 1527 -26.55 32.33 55.75
C SER A 1527 -25.32 31.93 56.54
N SER A 1528 -24.46 31.10 55.94
CA SER A 1528 -23.23 30.69 56.62
C SER A 1528 -22.30 31.88 56.86
N LEU A 1529 -22.19 32.78 55.88
CA LEU A 1529 -21.33 33.95 56.02
C LEU A 1529 -21.81 34.86 57.15
N ASP A 1530 -23.12 35.10 57.22
CA ASP A 1530 -23.64 35.96 58.28
C ASP A 1530 -23.66 35.27 59.63
N LYS A 1531 -23.63 33.93 59.64
CA LYS A 1531 -23.66 33.20 60.89
C LYS A 1531 -22.27 33.04 61.51
N ILE A 1532 -21.24 33.54 60.84
CA ILE A 1532 -19.88 33.41 61.37
C ILE A 1532 -19.74 34.24 62.63
N LYS A 1533 -19.23 33.61 63.70
CA LYS A 1533 -19.08 34.26 64.99
C LYS A 1533 -17.63 34.37 65.47
N ASP A 1534 -16.79 33.38 65.14
CA ASP A 1534 -15.44 33.34 65.66
C ASP A 1534 -14.54 32.58 64.69
N PRO A 1535 -13.22 32.49 64.94
CA PRO A 1535 -12.38 31.66 64.05
C PRO A 1535 -12.83 30.22 63.94
N ALA A 1536 -13.47 29.67 64.98
CA ALA A 1536 -14.00 28.32 64.88
C ALA A 1536 -15.17 28.25 63.90
N THR A 1537 -16.13 29.17 64.03
CA THR A 1537 -17.21 29.23 63.07
C THR A 1537 -16.71 29.57 61.67
N PHE A 1538 -15.61 30.36 61.59
CA PHE A 1538 -15.00 30.62 60.30
C PHE A 1538 -14.46 29.33 59.69
N GLU A 1539 -13.68 28.56 60.45
CA GLU A 1539 -13.14 27.30 59.93
C GLU A 1539 -14.23 26.31 59.60
N LYS A 1540 -15.41 26.47 60.22
CA LYS A 1540 -16.53 25.57 59.90
C LYS A 1540 -17.22 25.99 58.62
N GLU A 1541 -17.57 27.28 58.48
CA GLU A 1541 -18.42 27.71 57.38
C GLU A 1541 -17.61 28.11 56.15
N SER A 1542 -16.57 28.91 56.34
CA SER A 1542 -15.82 29.48 55.22
C SER A 1542 -15.32 28.43 54.23
N PRO A 1543 -14.81 27.26 54.64
CA PRO A 1543 -14.52 26.23 53.63
C PRO A 1543 -15.76 25.80 52.84
N TYR A 1544 -16.89 25.59 53.52
CA TYR A 1544 -18.12 25.26 52.83
C TYR A 1544 -18.58 26.41 51.95
N ILE A 1545 -18.44 27.64 52.45
CA ILE A 1545 -18.80 28.82 51.67
C ILE A 1545 -17.94 28.90 50.41
N LYS A 1546 -16.65 28.60 50.53
CA LYS A 1546 -15.75 28.68 49.40
C LYS A 1546 -16.03 27.57 48.39
N GLN A 1547 -16.40 26.38 48.86
CA GLN A 1547 -16.79 25.31 47.94
C GLN A 1547 -18.06 25.70 47.17
N CYS A 1548 -19.05 26.24 47.88
CA CYS A 1548 -20.27 26.69 47.23
C CYS A 1548 -19.97 27.84 46.26
N PHE A 1549 -19.01 28.69 46.60
CA PHE A 1549 -18.68 29.82 45.74
C PHE A 1549 -17.90 29.38 44.50
N ASP A 1550 -17.06 28.35 44.62
CA ASP A 1550 -16.42 27.79 43.44
C ASP A 1550 -17.45 27.14 42.53
N HIS A 1551 -18.42 26.43 43.11
CA HIS A 1551 -19.51 25.89 42.30
C HIS A 1551 -20.32 27.02 41.64
N LEU A 1552 -20.54 28.11 42.36
CA LEU A 1552 -21.24 29.26 41.80
C LEU A 1552 -20.43 29.94 40.70
N ALA A 1553 -19.10 29.94 40.82
CA ALA A 1553 -18.25 30.46 39.75
C ALA A 1553 -18.34 29.58 38.51
N GLU A 1554 -18.40 28.26 38.71
CA GLU A 1554 -18.66 27.37 37.58
C GLU A 1554 -20.00 27.66 36.94
N LEU A 1555 -21.03 27.89 37.76
CA LEU A 1555 -22.34 28.28 37.24
C LEU A 1555 -22.26 29.58 36.45
N GLU A 1556 -21.55 30.57 36.98
CA GLU A 1556 -21.39 31.85 36.28
C GLU A 1556 -20.69 31.66 34.94
N LYS A 1557 -19.68 30.80 34.90
CA LYS A 1557 -19.03 30.46 33.64
C LYS A 1557 -20.02 29.84 32.68
N THR A 1558 -20.89 28.95 33.17
CA THR A 1558 -21.92 28.37 32.31
C THR A 1558 -23.02 29.38 31.99
N LEU A 1559 -23.40 30.20 32.97
CA LEU A 1559 -24.47 31.18 32.77
C LEU A 1559 -24.03 32.27 31.80
N ASP A 1560 -24.99 32.78 31.03
CA ASP A 1560 -24.74 33.85 30.08
C ASP A 1560 -24.72 35.20 30.79
N ASP A 1561 -24.54 36.27 30.01
CA ASP A 1561 -24.45 37.63 30.53
C ASP A 1561 -25.79 38.35 30.45
N SER A 1562 -26.90 37.63 30.56
CA SER A 1562 -28.21 38.26 30.55
C SER A 1562 -28.44 39.02 31.85
N ASP A 1563 -29.51 39.83 31.85
CA ASP A 1563 -29.79 40.69 33.00
C ASP A 1563 -30.02 39.88 34.26
N LYS A 1564 -30.81 38.81 34.17
CA LYS A 1564 -30.99 37.92 35.32
C LYS A 1564 -29.70 37.20 35.66
N GLY A 1565 -29.00 36.70 34.63
CA GLY A 1565 -27.72 36.05 34.87
C GLY A 1565 -26.69 37.00 35.46
N ARG A 1566 -26.63 38.22 34.94
CA ARG A 1566 -25.70 39.20 35.48
C ARG A 1566 -26.08 39.61 36.89
N LYS A 1567 -27.39 39.65 37.20
CA LYS A 1567 -27.82 39.93 38.57
C LYS A 1567 -27.35 38.83 39.53
N GLN A 1568 -27.52 37.57 39.12
CA GLN A 1568 -27.05 36.47 39.96
C GLN A 1568 -25.53 36.51 40.11
N LYS A 1569 -24.81 36.81 39.02
CA LYS A 1569 -23.37 36.93 39.09
C LYS A 1569 -22.95 38.06 40.02
N GLU A 1570 -23.65 39.18 39.98
CA GLU A 1570 -23.34 40.30 40.85
C GLU A 1570 -23.59 39.94 42.31
N ASP A 1571 -24.69 39.23 42.59
CA ASP A 1571 -24.94 38.78 43.97
C ASP A 1571 -23.84 37.84 44.45
N PHE A 1572 -23.46 36.88 43.61
CA PHE A 1572 -22.40 35.94 43.96
C PHE A 1572 -21.08 36.68 44.20
N THR A 1573 -20.74 37.61 43.32
CA THR A 1573 -19.50 38.36 43.46
C THR A 1573 -19.51 39.25 44.69
N ALA A 1574 -20.66 39.86 45.01
CA ALA A 1574 -20.75 40.69 46.21
C ALA A 1574 -20.57 39.84 47.47
N TYR A 1575 -21.20 38.67 47.52
CA TYR A 1575 -21.02 37.80 48.68
C TYR A 1575 -19.58 37.31 48.77
N LYS A 1576 -18.97 36.96 47.64
CA LYS A 1576 -17.58 36.52 47.65
C LYS A 1576 -16.64 37.64 48.08
N SER A 1577 -16.91 38.87 47.63
CA SER A 1577 -16.10 40.01 48.05
C SER A 1577 -16.26 40.29 49.54
N ALA A 1578 -17.48 40.13 50.06
CA ALA A 1578 -17.68 40.27 51.50
C ALA A 1578 -16.90 39.22 52.27
N LEU A 1579 -16.92 37.98 51.80
CA LEU A 1579 -16.14 36.93 52.44
C LEU A 1579 -14.64 37.22 52.37
N MET A 1580 -14.18 37.69 51.21
CA MET A 1580 -12.75 37.98 51.04
C MET A 1580 -12.31 39.14 51.93
N ASP A 1581 -13.14 40.18 52.03
CA ASP A 1581 -12.82 41.29 52.91
C ASP A 1581 -12.82 40.85 54.37
N LYS A 1582 -13.83 40.08 54.78
CA LYS A 1582 -13.86 39.54 56.13
C LYS A 1582 -12.59 38.75 56.42
N GLN A 1583 -12.20 37.84 55.51
CA GLN A 1583 -10.95 37.13 55.69
C GLN A 1583 -9.79 38.11 55.86
N GLU A 1584 -9.47 38.85 54.80
CA GLU A 1584 -8.23 39.63 54.74
C GLU A 1584 -8.10 40.59 55.90
N LYS A 1585 -9.20 41.21 56.33
CA LYS A 1585 -9.08 42.16 57.43
C LYS A 1585 -9.32 41.50 58.78
N ALA A 1586 -10.49 40.90 58.96
CA ALA A 1586 -10.91 40.45 60.29
C ALA A 1586 -10.13 39.22 60.76
N TYR A 1587 -9.78 38.28 59.87
CA TYR A 1587 -9.04 37.11 60.33
C TYR A 1587 -7.68 37.47 60.92
N PRO A 1588 -6.88 38.33 60.30
CA PRO A 1588 -5.73 38.88 61.03
C PRO A 1588 -6.13 39.60 62.31
N GLU A 1589 -7.32 40.20 62.34
CA GLU A 1589 -7.79 40.82 63.57
C GLU A 1589 -8.13 39.75 64.62
#